data_4EQL
#
_entry.id   4EQL
#
_cell.length_a   91.420
_cell.length_b   66.580
_cell.length_c   101.000
_cell.angle_alpha   90.00
_cell.angle_beta   106.48
_cell.angle_gamma   90.00
#
_symmetry.space_group_name_H-M   'P 1 21 1'
#
loop_
_entity.id
_entity.type
_entity.pdbx_description
1 polymer '4-substituted benzoates-glutamate ligase GH3.12'
2 non-polymer 'ADENOSINE MONOPHOSPHATE'
3 non-polymer '2-HYDROXYBENZOIC ACID'
4 water water
#
_entity_poly.entity_id   1
_entity_poly.type   'polypeptide(L)'
_entity_poly.pdbx_seq_one_letter_code
;GSHMASMKPIFDINETFEKQLKDLTSNVKSIQDNLLEEIITPNTKTEYLQRFLIDRFDKELFKKNVPIVSYEDIKPYLDR
VVNGESSDVISARTITGFLLSSGTSGGAQKMMPWNNKYLDNLTFIYDLRMQVITKHVKGVEEGKGMMFLFTKQESMTPSG
LPARVATSSYFKSDYFKNRPSNWYYSYTSPDEVILCPNNTESLYCHLLCGLVQRDEVVRTGSIFASVMVRAIEVLKNSWE
ELCSNIRSGHLSNWVTDLGCQNSVSLVLGGPRPELADTIEEICNQNSWKGIVKRLWPNTKYIETVVTGSMGQYVPMLNYY
CNDLPLVSTTYGSSETTFGINLDPLCKPEDVSYTFMPNMSYFEFIPMDGGDKNDVVDLEDVKLGCTYEPVVTNFAGLYRM
RVGDIVLVTGFYNNAPQFKFVRRENVVLSIDSDKTNEEDLFKAVSQAKLVLESSGLDLKDFTSYADTSTFPGHYVVYLEV
DTKEGEEKETAQFELDEEALSTCCLVMEESLDNVYKRCRFKDGSIGPLEIRVVRQGTFDSLMDFFISQGASTGQYKTPRC
IKSGKALQVLETCVVAKFFSI
;
_entity_poly.pdbx_strand_id   A,B
#
# COMPACT_ATOMS: atom_id res chain seq x y z
N ASN A 14 -2.81 4.19 47.64
CA ASN A 14 -3.81 5.19 47.93
C ASN A 14 -3.28 6.33 48.78
N GLU A 15 -3.07 6.08 50.07
CA GLU A 15 -2.51 7.09 50.98
C GLU A 15 -1.29 7.77 50.39
N THR A 16 -0.34 6.97 49.93
CA THR A 16 0.87 7.50 49.32
C THR A 16 0.52 8.30 48.08
N PHE A 17 -0.38 7.75 47.25
CA PHE A 17 -0.83 8.44 46.04
C PHE A 17 -1.60 9.72 46.33
N GLU A 18 -2.55 9.65 47.25
CA GLU A 18 -3.36 10.83 47.58
C GLU A 18 -2.45 11.99 47.97
N LYS A 19 -1.47 11.69 48.83
CA LYS A 19 -0.54 12.70 49.29
C LYS A 19 0.36 13.18 48.17
N GLN A 20 0.77 12.24 47.31
CA GLN A 20 1.64 12.54 46.22
C GLN A 20 0.99 13.54 45.27
N LEU A 21 -0.27 13.28 44.91
CA LEU A 21 -0.97 14.15 43.96
C LEU A 21 -1.28 15.53 44.56
N LYS A 22 -1.72 15.56 45.82
CA LYS A 22 -2.01 16.83 46.48
C LYS A 22 -0.74 17.71 46.53
N ASP A 23 0.41 17.12 46.86
CA ASP A 23 1.66 17.87 46.87
C ASP A 23 2.11 18.39 45.49
N LEU A 24 2.08 17.51 44.49
CA LEU A 24 2.41 17.91 43.11
C LEU A 24 1.57 19.09 42.63
N THR A 25 0.28 19.06 42.97
CA THR A 25 -0.64 20.05 42.43
C THR A 25 -0.76 21.25 43.35
N SER A 26 -0.37 21.11 44.62
CA SER A 26 -0.43 22.25 45.52
C SER A 26 0.85 23.08 45.49
N ASN A 27 1.99 22.44 45.30
CA ASN A 27 3.27 23.12 45.40
C ASN A 27 3.92 23.44 44.05
N VAL A 28 3.10 23.75 43.05
CA VAL A 28 3.56 23.98 41.68
C VAL A 28 4.66 25.04 41.56
N LYS A 29 4.48 26.17 42.24
CA LYS A 29 5.46 27.25 42.16
C LYS A 29 6.85 26.79 42.60
N SER A 30 6.94 26.20 43.79
CA SER A 30 8.24 25.78 44.31
CA SER A 30 8.23 25.76 44.33
C SER A 30 8.80 24.59 43.53
N ILE A 31 7.92 23.67 43.12
CA ILE A 31 8.40 22.51 42.35
C ILE A 31 8.99 22.97 41.02
N GLN A 32 8.32 23.90 40.35
CA GLN A 32 8.85 24.43 39.09
C GLN A 32 10.18 25.15 39.28
N ASP A 33 10.26 26.01 40.30
CA ASP A 33 11.49 26.76 40.55
C ASP A 33 12.64 25.83 40.92
N ASN A 34 12.35 24.82 41.71
CA ASN A 34 13.37 23.85 42.11
C ASN A 34 13.83 23.04 40.89
N LEU A 35 12.88 22.71 40.00
CA LEU A 35 13.21 21.92 38.82
C LEU A 35 14.13 22.71 37.91
N LEU A 36 13.85 24.00 37.77
CA LEU A 36 14.68 24.84 36.89
C LEU A 36 16.11 24.87 37.43
N GLU A 37 16.26 24.94 38.75
CA GLU A 37 17.59 24.95 39.34
C GLU A 37 18.28 23.61 39.14
N GLU A 38 17.52 22.53 39.27
CA GLU A 38 18.02 21.17 39.06
C GLU A 38 18.57 21.00 37.64
N ILE A 39 17.87 21.59 36.66
CA ILE A 39 18.31 21.56 35.27
C ILE A 39 19.50 22.49 35.00
N ILE A 40 19.43 23.73 35.47
CA ILE A 40 20.43 24.72 35.11
C ILE A 40 21.81 24.44 35.74
N THR A 41 21.81 24.08 37.02
CA THR A 41 23.07 24.02 37.77
C THR A 41 24.16 23.14 37.14
N PRO A 42 23.83 21.89 36.78
CA PRO A 42 24.87 21.08 36.15
C PRO A 42 25.19 21.49 34.72
N ASN A 43 24.33 22.33 34.14
CA ASN A 43 24.48 22.71 32.75
C ASN A 43 25.15 24.07 32.49
N THR A 44 25.62 24.72 33.55
CA THR A 44 26.16 26.08 33.39
C THR A 44 27.45 26.12 32.56
N LYS A 45 28.11 24.98 32.37
CA LYS A 45 29.33 24.94 31.58
C LYS A 45 29.17 24.34 30.18
N THR A 46 27.93 24.03 29.80
CA THR A 46 27.66 23.62 28.43
C THR A 46 27.91 24.80 27.49
N GLU A 47 28.26 24.51 26.24
CA GLU A 47 28.49 25.58 25.28
C GLU A 47 27.25 26.49 25.19
N TYR A 48 26.08 25.88 25.22
CA TYR A 48 24.84 26.63 25.05
C TYR A 48 24.59 27.62 26.19
N LEU A 49 24.60 27.16 27.45
CA LEU A 49 24.39 28.11 28.56
C LEU A 49 25.54 29.11 28.69
N GLN A 50 26.76 28.69 28.38
CA GLN A 50 27.90 29.62 28.39
CA GLN A 50 27.91 29.60 28.36
C GLN A 50 27.67 30.75 27.39
N ARG A 51 27.10 30.41 26.24
CA ARG A 51 26.81 31.40 25.22
C ARG A 51 25.94 32.52 25.80
N PHE A 52 24.96 32.14 26.61
CA PHE A 52 24.01 33.12 27.15
C PHE A 52 24.37 33.60 28.55
N LEU A 53 25.59 33.30 28.98
CA LEU A 53 26.14 33.88 30.21
C LEU A 53 25.38 33.40 31.45
N ILE A 54 24.85 32.18 31.38
CA ILE A 54 24.20 31.60 32.54
C ILE A 54 25.24 30.77 33.29
N ASP A 55 25.93 31.39 34.25
CA ASP A 55 27.00 30.70 34.96
C ASP A 55 26.59 30.23 36.37
N ARG A 56 25.33 30.46 36.72
CA ARG A 56 24.79 30.00 37.98
C ARG A 56 23.28 30.00 37.84
N PHE A 57 22.59 29.32 38.74
CA PHE A 57 21.14 29.39 38.75
C PHE A 57 20.66 30.77 39.18
N ASP A 58 19.97 31.44 38.26
CA ASP A 58 19.36 32.72 38.56
C ASP A 58 18.18 32.84 37.61
N LYS A 59 16.99 32.79 38.19
CA LYS A 59 15.78 32.69 37.38
C LYS A 59 15.58 33.92 36.51
N GLU A 60 15.87 35.10 37.07
CA GLU A 60 15.69 36.36 36.35
C GLU A 60 16.67 36.47 35.17
N LEU A 61 17.92 36.09 35.41
CA LEU A 61 18.91 36.13 34.33
C LEU A 61 18.57 35.13 33.23
N PHE A 62 18.05 33.96 33.61
CA PHE A 62 17.60 32.95 32.67
C PHE A 62 16.50 33.52 31.76
N LYS A 63 15.49 34.14 32.37
CA LYS A 63 14.37 34.68 31.60
C LYS A 63 14.80 35.87 30.75
N LYS A 64 15.82 36.58 31.21
CA LYS A 64 16.26 37.79 30.52
C LYS A 64 17.19 37.48 29.36
N ASN A 65 18.04 36.46 29.52
CA ASN A 65 19.16 36.27 28.61
C ASN A 65 19.10 35.04 27.71
N VAL A 66 18.41 33.99 28.15
CA VAL A 66 18.23 32.81 27.32
C VAL A 66 17.04 33.07 26.39
N PRO A 67 17.25 32.93 25.09
CA PRO A 67 16.18 33.25 24.13
C PRO A 67 15.13 32.15 24.07
N ILE A 68 13.88 32.55 23.81
CA ILE A 68 12.83 31.61 23.49
C ILE A 68 13.01 31.19 22.03
N VAL A 69 13.12 29.90 21.77
CA VAL A 69 13.55 29.42 20.46
C VAL A 69 12.55 28.52 19.78
N SER A 70 12.65 28.46 18.46
CA SER A 70 11.96 27.45 17.68
C SER A 70 12.95 26.34 17.40
N TYR A 71 12.44 25.22 16.92
CA TYR A 71 13.30 24.10 16.53
C TYR A 71 14.36 24.54 15.52
N GLU A 72 13.93 25.28 14.50
CA GLU A 72 14.87 25.76 13.49
C GLU A 72 15.99 26.63 14.09
N ASP A 73 15.67 27.42 15.12
CA ASP A 73 16.69 28.27 15.76
C ASP A 73 17.85 27.45 16.32
N ILE A 74 17.56 26.28 16.91
CA ILE A 74 18.61 25.52 17.58
C ILE A 74 19.08 24.29 16.79
N LYS A 75 18.56 24.12 15.59
CA LYS A 75 18.92 22.96 14.77
C LYS A 75 20.43 22.81 14.54
N PRO A 76 21.16 23.93 14.42
CA PRO A 76 22.60 23.79 14.28
C PRO A 76 23.27 23.10 15.47
N TYR A 77 22.73 23.27 16.69
CA TYR A 77 23.27 22.54 17.85
C TYR A 77 22.86 21.07 17.77
N LEU A 78 21.59 20.84 17.49
CA LEU A 78 21.08 19.48 17.40
C LEU A 78 21.82 18.68 16.31
N ASP A 79 22.03 19.29 15.16
CA ASP A 79 22.75 18.62 14.08
C ASP A 79 24.14 18.14 14.53
N ARG A 80 24.81 18.96 15.32
CA ARG A 80 26.13 18.58 15.83
C ARG A 80 26.07 17.33 16.69
N VAL A 81 25.10 17.26 17.58
CA VAL A 81 24.94 16.09 18.45
C VAL A 81 24.49 14.87 17.63
N VAL A 82 23.60 15.10 16.67
CA VAL A 82 23.12 14.02 15.80
C VAL A 82 24.27 13.40 15.00
N ASN A 83 25.23 14.23 14.63
CA ASN A 83 26.38 13.80 13.84
C ASN A 83 27.54 13.24 14.67
N GLY A 84 27.44 13.33 16.00
CA GLY A 84 28.41 12.64 16.84
C GLY A 84 29.24 13.51 17.78
N GLU A 85 28.96 14.80 17.81
CA GLU A 85 29.70 15.68 18.71
C GLU A 85 29.21 15.44 20.14
N SER A 86 30.10 15.68 21.11
CA SER A 86 29.73 15.47 22.51
C SER A 86 28.46 16.23 22.87
N SER A 87 27.54 15.57 23.57
CA SER A 87 26.29 16.19 23.94
CA SER A 87 26.28 16.20 23.94
C SER A 87 26.44 17.34 24.93
N ASP A 88 27.64 17.51 25.49
CA ASP A 88 27.88 18.61 26.42
C ASP A 88 27.79 20.00 25.77
N VAL A 89 27.65 20.04 24.45
CA VAL A 89 27.35 21.30 23.79
CA VAL A 89 27.37 21.32 23.82
C VAL A 89 26.04 21.88 24.33
N ILE A 90 25.09 20.99 24.65
CA ILE A 90 23.78 21.44 25.18
C ILE A 90 23.32 20.80 26.50
N SER A 91 23.88 19.63 26.85
CA SER A 91 23.40 18.92 28.03
C SER A 91 24.50 18.15 28.75
N ALA A 92 24.66 18.41 30.05
CA ALA A 92 25.62 17.65 30.85
C ALA A 92 25.08 16.27 31.26
N ARG A 93 23.80 16.03 30.97
CA ARG A 93 23.22 14.70 31.09
C ARG A 93 23.32 14.07 29.68
N THR A 94 24.13 13.03 29.55
CA THR A 94 24.50 12.54 28.22
C THR A 94 23.28 12.22 27.36
N ILE A 95 23.31 12.67 26.12
CA ILE A 95 22.29 12.30 25.15
C ILE A 95 22.59 10.92 24.56
N THR A 96 21.67 9.99 24.74
CA THR A 96 21.87 8.58 24.36
C THR A 96 20.93 8.14 23.22
N GLY A 97 20.16 9.08 22.68
CA GLY A 97 19.26 8.77 21.58
C GLY A 97 18.47 10.01 21.19
N PHE A 98 17.59 9.87 20.22
CA PHE A 98 16.78 10.99 19.76
C PHE A 98 15.34 10.52 19.63
N LEU A 99 14.40 11.44 19.76
CA LEU A 99 13.00 11.15 19.48
C LEU A 99 12.63 11.73 18.13
N LEU A 100 11.95 10.91 17.34
CA LEU A 100 11.37 11.35 16.08
C LEU A 100 10.01 11.98 16.33
N SER A 101 9.85 13.24 16.00
CA SER A 101 8.59 13.91 16.21
C SER A 101 7.71 13.74 14.97
N SER A 102 6.39 13.65 15.17
CA SER A 102 5.47 13.61 14.05
C SER A 102 5.47 14.97 13.37
N GLY A 103 5.88 15.99 14.12
CA GLY A 103 6.04 17.32 13.58
C GLY A 103 7.21 17.37 12.63
N THR A 104 7.07 18.12 11.54
CA THR A 104 8.13 18.17 10.53
C THR A 104 8.80 19.54 10.42
N SER A 105 10.07 19.53 10.04
CA SER A 105 10.82 20.74 9.70
C SER A 105 11.47 20.57 8.33
N GLY A 106 11.02 21.36 7.35
CA GLY A 106 11.53 21.28 6.00
C GLY A 106 11.28 19.92 5.35
N GLY A 107 10.10 19.36 5.60
CA GLY A 107 9.74 18.07 5.04
C GLY A 107 10.35 16.89 5.77
N ALA A 108 11.27 17.16 6.69
CA ALA A 108 11.91 16.11 7.46
C ALA A 108 11.44 16.12 8.91
N GLN A 109 11.17 14.94 9.46
CA GLN A 109 10.77 14.80 10.85
C GLN A 109 11.79 15.46 11.78
N LYS A 110 11.30 16.19 12.76
CA LYS A 110 12.19 16.77 13.75
C LYS A 110 12.79 15.69 14.63
N MET A 111 14.06 15.85 14.97
CA MET A 111 14.72 14.95 15.89
C MET A 111 15.06 15.69 17.18
N MET A 112 14.46 15.27 18.27
CA MET A 112 14.66 15.91 19.56
C MET A 112 15.66 15.10 20.37
N PRO A 113 16.50 15.80 21.16
CA PRO A 113 17.45 15.05 21.98
C PRO A 113 16.76 14.28 23.11
N TRP A 114 17.36 13.18 23.54
CA TRP A 114 16.70 12.30 24.48
C TRP A 114 17.72 11.60 25.36
N ASN A 115 17.28 11.26 26.58
CA ASN A 115 18.05 10.42 27.50
C ASN A 115 17.06 9.80 28.46
N ASN A 116 17.53 9.05 29.44
CA ASN A 116 16.60 8.27 30.25
C ASN A 116 15.71 9.09 31.19
N LYS A 117 15.99 10.39 31.33
CA LYS A 117 15.06 11.23 32.09
C LYS A 117 13.68 11.29 31.42
N TYR A 118 13.67 11.22 30.10
CA TYR A 118 12.40 11.15 29.38
C TYR A 118 11.59 9.95 29.90
N LEU A 119 12.26 8.82 30.07
CA LEU A 119 11.59 7.59 30.52
C LEU A 119 11.28 7.58 32.01
N ASP A 120 12.15 8.21 32.81
CA ASP A 120 11.87 8.43 34.22
C ASP A 120 10.54 9.16 34.35
N ASN A 121 10.41 10.27 33.61
CA ASN A 121 9.17 11.05 33.64
C ASN A 121 7.97 10.32 33.05
N LEU A 122 8.20 9.59 31.95
CA LEU A 122 7.12 8.86 31.30
C LEU A 122 6.55 7.81 32.25
N THR A 123 7.44 7.03 32.90
CA THR A 123 6.97 6.01 33.82
C THR A 123 6.33 6.57 35.08
N PHE A 124 6.81 7.73 35.52
CA PHE A 124 6.18 8.46 36.61
C PHE A 124 4.71 8.75 36.26
N ILE A 125 4.48 9.16 35.03
CA ILE A 125 3.12 9.51 34.55
C ILE A 125 2.26 8.27 34.39
N TYR A 126 2.86 7.20 33.90
CA TYR A 126 2.15 5.92 33.81
C TYR A 126 1.66 5.46 35.19
N ASP A 127 2.52 5.56 36.21
CA ASP A 127 2.13 5.13 37.54
CA ASP A 127 2.13 5.14 37.56
C ASP A 127 1.07 6.08 38.11
N LEU A 128 1.21 7.37 37.85
CA LEU A 128 0.27 8.36 38.35
C LEU A 128 -1.13 8.16 37.72
N ARG A 129 -1.16 8.02 36.40
CA ARG A 129 -2.45 7.87 35.71
C ARG A 129 -3.13 6.55 36.07
N MET A 130 -2.33 5.52 36.32
CA MET A 130 -2.87 4.24 36.83
C MET A 130 -3.61 4.44 38.15
N GLN A 131 -3.03 5.21 39.06
CA GLN A 131 -3.69 5.49 40.34
C GLN A 131 -4.97 6.32 40.15
N VAL A 132 -4.91 7.28 39.24
CA VAL A 132 -6.08 8.11 38.95
C VAL A 132 -7.22 7.23 38.44
N ILE A 133 -6.88 6.34 37.50
CA ILE A 133 -7.88 5.42 36.96
C ILE A 133 -8.49 4.51 38.03
N THR A 134 -7.68 3.87 38.85
CA THR A 134 -8.24 2.94 39.83
CA THR A 134 -8.21 2.94 39.85
C THR A 134 -8.99 3.67 40.94
N LYS A 135 -8.69 4.94 41.14
CA LYS A 135 -9.47 5.72 42.12
C LYS A 135 -10.92 5.79 41.63
N HIS A 136 -11.10 5.95 40.33
CA HIS A 136 -12.44 6.19 39.78
C HIS A 136 -13.11 5.00 39.12
N VAL A 137 -12.34 3.97 38.79
CA VAL A 137 -12.87 2.80 38.07
C VAL A 137 -12.58 1.52 38.86
N LYS A 138 -13.65 0.82 39.25
CA LYS A 138 -13.51 -0.45 39.96
C LYS A 138 -13.60 -1.66 39.03
N GLY A 139 -13.15 -2.81 39.53
CA GLY A 139 -13.28 -4.06 38.81
C GLY A 139 -12.23 -4.26 37.73
N VAL A 140 -11.03 -3.75 37.95
CA VAL A 140 -9.99 -3.88 36.94
C VAL A 140 -8.73 -4.59 37.44
N GLU A 141 -8.61 -4.74 38.75
CA GLU A 141 -7.33 -5.14 39.32
C GLU A 141 -6.98 -6.63 39.21
N GLU A 142 -7.95 -7.46 38.85
CA GLU A 142 -7.66 -8.88 38.63
C GLU A 142 -7.67 -9.27 37.15
N GLY A 143 -7.81 -8.29 36.26
CA GLY A 143 -7.89 -8.60 34.83
C GLY A 143 -6.69 -8.12 34.05
N LYS A 144 -6.78 -8.23 32.72
CA LYS A 144 -5.70 -7.85 31.82
C LYS A 144 -6.20 -6.79 30.84
N GLY A 145 -5.30 -6.11 30.16
CA GLY A 145 -5.71 -5.19 29.12
C GLY A 145 -5.41 -5.70 27.73
N MET A 146 -6.35 -5.54 26.80
CA MET A 146 -6.05 -5.80 25.40
C MET A 146 -5.60 -4.48 24.80
N MET A 147 -4.31 -4.21 24.84
CA MET A 147 -3.81 -2.90 24.48
C MET A 147 -3.08 -2.99 23.15
N PHE A 148 -3.52 -2.19 22.19
CA PHE A 148 -2.97 -2.22 20.85
C PHE A 148 -1.75 -1.30 20.80
N LEU A 149 -0.64 -1.85 21.27
CA LEU A 149 0.60 -1.11 21.46
C LEU A 149 1.59 -1.55 20.40
N PHE A 150 2.26 -0.60 19.76
CA PHE A 150 3.14 -0.91 18.63
C PHE A 150 4.54 -0.35 18.76
N THR A 151 5.51 -1.13 18.28
CA THR A 151 6.88 -0.69 18.23
C THR A 151 7.19 -0.33 16.79
N LYS A 152 7.91 0.78 16.60
CA LYS A 152 8.32 1.21 15.26
C LYS A 152 9.84 1.09 15.13
N GLN A 153 10.33 0.51 14.06
CA GLN A 153 11.78 0.32 13.95
C GLN A 153 12.53 1.68 13.93
N GLU A 154 13.67 1.69 14.58
CA GLU A 154 14.42 2.89 14.80
C GLU A 154 15.11 3.37 13.50
N SER A 155 15.51 4.62 13.48
CA SER A 155 16.35 5.16 12.44
C SER A 155 17.74 5.46 13.00
N MET A 156 18.78 5.14 12.26
CA MET A 156 20.15 5.32 12.73
C MET A 156 20.68 6.70 12.33
N THR A 157 21.40 7.36 13.24
CA THR A 157 22.02 8.67 12.94
C THR A 157 23.52 8.51 12.79
N PRO A 158 24.20 9.53 12.22
CA PRO A 158 25.64 9.36 11.99
C PRO A 158 26.42 9.19 13.31
N SER A 159 25.89 9.73 14.41
CA SER A 159 26.52 9.56 15.72
C SER A 159 26.49 8.09 16.13
N GLY A 160 25.61 7.31 15.52
CA GLY A 160 25.47 5.92 15.88
C GLY A 160 24.37 5.72 16.91
N LEU A 161 23.77 6.81 17.40
CA LEU A 161 22.64 6.74 18.33
C LEU A 161 21.33 6.59 17.56
N PRO A 162 20.39 5.78 18.08
CA PRO A 162 19.12 5.57 17.39
C PRO A 162 18.13 6.71 17.59
N ALA A 163 17.25 6.90 16.61
CA ALA A 163 16.15 7.86 16.70
C ALA A 163 14.87 7.03 16.64
N ARG A 164 14.01 7.20 17.65
CA ARG A 164 12.77 6.43 17.77
C ARG A 164 11.60 7.35 18.09
N VAL A 165 10.37 6.88 17.86
CA VAL A 165 9.23 7.63 18.38
C VAL A 165 9.14 7.41 19.89
N ALA A 166 8.50 8.33 20.60
CA ALA A 166 8.48 8.31 22.06
C ALA A 166 8.19 6.94 22.68
N THR A 167 7.05 6.35 22.32
CA THR A 167 6.69 5.09 22.97
C THR A 167 7.58 3.92 22.58
N SER A 168 8.17 3.96 21.38
CA SER A 168 9.17 2.95 21.01
C SER A 168 10.45 3.10 21.85
N SER A 169 10.81 4.31 22.21
CA SER A 169 11.96 4.52 23.08
C SER A 169 11.72 3.83 24.43
N TYR A 170 10.45 3.79 24.84
CA TYR A 170 10.04 3.07 26.06
C TYR A 170 9.99 1.53 25.87
N PHE A 171 9.25 1.05 24.87
CA PHE A 171 9.12 -0.39 24.65
C PHE A 171 10.49 -1.08 24.49
N LYS A 172 11.42 -0.44 23.78
CA LYS A 172 12.74 -1.04 23.56
C LYS A 172 13.71 -0.77 24.71
N SER A 173 13.20 -0.66 25.94
CA SER A 173 14.04 -0.42 27.09
C SER A 173 13.60 -1.26 28.28
N ASP A 174 14.47 -1.34 29.29
CA ASP A 174 14.13 -2.06 30.51
C ASP A 174 12.99 -1.39 31.28
N TYR A 175 12.71 -0.12 30.98
CA TYR A 175 11.57 0.56 31.60
C TYR A 175 10.27 -0.21 31.30
N PHE A 176 10.24 -0.85 30.12
CA PHE A 176 9.11 -1.69 29.71
C PHE A 176 9.34 -3.15 30.04
N LYS A 177 10.50 -3.68 29.66
CA LYS A 177 10.80 -5.09 29.90
C LYS A 177 10.63 -5.48 31.37
N ASN A 178 11.09 -4.60 32.27
CA ASN A 178 11.09 -4.89 33.71
C ASN A 178 10.02 -4.06 34.44
N ARG A 179 8.95 -3.72 33.73
CA ARG A 179 7.85 -2.97 34.31
C ARG A 179 7.20 -3.71 35.47
N PRO A 180 6.40 -2.99 36.28
CA PRO A 180 5.75 -3.58 37.45
C PRO A 180 4.81 -4.73 37.09
N SER A 181 4.69 -5.68 38.00
CA SER A 181 3.83 -6.83 37.79
C SER A 181 2.51 -6.61 38.53
N ASN A 182 1.64 -5.81 37.92
CA ASN A 182 0.29 -5.61 38.41
C ASN A 182 -0.63 -5.43 37.23
N TRP A 183 -1.93 -5.37 37.49
CA TRP A 183 -2.96 -5.38 36.44
C TRP A 183 -2.72 -4.36 35.33
N TYR A 184 -2.22 -3.18 35.69
CA TYR A 184 -2.11 -2.09 34.74
C TYR A 184 -1.05 -2.38 33.70
N TYR A 185 -0.09 -3.23 34.04
CA TYR A 185 1.03 -3.53 33.15
C TYR A 185 0.92 -4.94 32.58
N SER A 186 -0.28 -5.51 32.72
CA SER A 186 -0.55 -6.88 32.29
CA SER A 186 -0.55 -6.88 32.29
C SER A 186 -1.43 -6.86 31.03
N TYR A 187 -0.91 -7.42 29.95
CA TYR A 187 -1.60 -7.38 28.65
C TYR A 187 -1.94 -8.77 28.16
N THR A 188 -2.95 -8.88 27.31
CA THR A 188 -3.27 -10.17 26.71
C THR A 188 -2.21 -10.57 25.67
N SER A 189 -1.48 -9.62 25.11
CA SER A 189 -0.42 -9.94 24.15
C SER A 189 0.91 -10.13 24.87
N PRO A 190 1.67 -11.17 24.47
CA PRO A 190 3.06 -11.35 24.92
C PRO A 190 3.88 -10.13 24.52
N ASP A 191 4.96 -9.85 25.27
CA ASP A 191 5.83 -8.74 24.93
C ASP A 191 6.38 -8.83 23.49
N GLU A 192 6.60 -10.05 23.01
CA GLU A 192 7.13 -10.23 21.66
C GLU A 192 6.22 -9.62 20.60
N VAL A 193 4.91 -9.71 20.82
CA VAL A 193 3.96 -9.10 19.90
C VAL A 193 4.04 -7.57 19.94
N ILE A 194 4.14 -7.01 21.15
CA ILE A 194 4.27 -5.56 21.30
C ILE A 194 5.56 -5.08 20.66
N LEU A 195 6.63 -5.87 20.80
CA LEU A 195 7.94 -5.45 20.27
C LEU A 195 8.14 -5.67 18.76
N CYS A 196 7.17 -6.32 18.12
CA CYS A 196 7.31 -6.67 16.71
C CYS A 196 7.20 -5.44 15.82
N PRO A 197 8.25 -5.14 15.03
CA PRO A 197 8.24 -3.91 14.22
C PRO A 197 7.36 -4.01 12.97
N ASN A 198 6.90 -5.19 12.62
CA ASN A 198 5.88 -5.30 11.58
C ASN A 198 4.51 -5.18 12.23
N ASN A 199 3.89 -4.01 12.11
CA ASN A 199 2.66 -3.73 12.84
C ASN A 199 1.43 -4.38 12.21
N THR A 200 1.53 -4.83 10.96
CA THR A 200 0.41 -5.57 10.38
C THR A 200 0.35 -6.94 11.04
N GLU A 201 1.50 -7.57 11.21
CA GLU A 201 1.58 -8.83 11.92
C GLU A 201 1.17 -8.64 13.38
N SER A 202 1.65 -7.58 14.01
CA SER A 202 1.43 -7.50 15.44
C SER A 202 -0.02 -7.13 15.77
N LEU A 203 -0.65 -6.30 14.95
CA LEU A 203 -2.07 -6.02 15.20
C LEU A 203 -2.91 -7.29 15.07
N TYR A 204 -2.61 -8.11 14.06
CA TYR A 204 -3.33 -9.37 13.91
C TYR A 204 -3.14 -10.21 15.19
N CYS A 205 -1.89 -10.29 15.65
CA CYS A 205 -1.61 -11.08 16.84
C CYS A 205 -2.25 -10.49 18.11
N HIS A 206 -2.30 -9.16 18.22
CA HIS A 206 -3.01 -8.54 19.35
C HIS A 206 -4.46 -9.01 19.41
N LEU A 207 -5.13 -8.98 18.28
CA LEU A 207 -6.53 -9.40 18.23
C LEU A 207 -6.69 -10.88 18.56
N LEU A 208 -5.81 -11.71 18.02
CA LEU A 208 -5.91 -13.15 18.25
C LEU A 208 -5.76 -13.48 19.74
N CYS A 209 -4.73 -12.91 20.36
CA CYS A 209 -4.46 -13.15 21.77
C CYS A 209 -5.59 -12.59 22.63
N GLY A 210 -6.13 -11.43 22.23
CA GLY A 210 -7.23 -10.84 22.99
C GLY A 210 -8.48 -11.70 22.92
N LEU A 211 -8.76 -12.26 21.75
CA LEU A 211 -9.90 -13.17 21.59
C LEU A 211 -9.74 -14.45 22.42
N VAL A 212 -8.55 -15.04 22.39
CA VAL A 212 -8.32 -16.27 23.13
C VAL A 212 -8.58 -16.05 24.62
N GLN A 213 -8.22 -14.86 25.12
CA GLN A 213 -8.31 -14.55 26.54
C GLN A 213 -9.45 -13.57 26.83
N ARG A 214 -10.47 -13.58 25.98
CA ARG A 214 -11.50 -12.55 26.02
C ARG A 214 -12.16 -12.30 27.39
N ASP A 215 -12.36 -13.35 28.17
CA ASP A 215 -13.02 -13.18 29.47
C ASP A 215 -12.18 -12.36 30.46
N GLU A 216 -10.87 -12.36 30.26
CA GLU A 216 -9.95 -11.68 31.18
C GLU A 216 -9.78 -10.19 30.89
N VAL A 217 -10.26 -9.75 29.73
CA VAL A 217 -10.11 -8.36 29.30
C VAL A 217 -11.01 -7.41 30.12
N VAL A 218 -10.39 -6.51 30.87
CA VAL A 218 -11.14 -5.52 31.65
C VAL A 218 -10.92 -4.10 31.14
N ARG A 219 -10.03 -3.95 30.17
CA ARG A 219 -9.83 -2.66 29.49
C ARG A 219 -9.23 -2.93 28.13
N THR A 220 -9.43 -2.02 27.20
CA THR A 220 -8.77 -2.09 25.91
C THR A 220 -8.49 -0.66 25.46
N GLY A 221 -7.60 -0.51 24.50
CA GLY A 221 -7.27 0.81 23.99
C GLY A 221 -5.95 0.86 23.27
N SER A 222 -5.43 2.07 23.13
CA SER A 222 -4.22 2.34 22.35
C SER A 222 -3.80 3.76 22.66
N ILE A 223 -2.67 4.23 22.15
CA ILE A 223 -2.24 5.58 22.50
C ILE A 223 -3.24 6.60 21.96
N PHE A 224 -3.55 6.52 20.67
CA PHE A 224 -4.50 7.43 20.04
C PHE A 224 -5.73 6.72 19.49
N ALA A 225 -6.85 7.43 19.49
CA ALA A 225 -8.13 6.87 19.06
C ALA A 225 -8.06 6.27 17.64
N SER A 226 -7.23 6.86 16.77
CA SER A 226 -7.17 6.41 15.38
C SER A 226 -6.75 4.94 15.30
N VAL A 227 -5.86 4.55 16.21
CA VAL A 227 -5.35 3.18 16.23
C VAL A 227 -6.40 2.23 16.81
N MET A 228 -7.15 2.68 17.80
CA MET A 228 -8.25 1.85 18.31
C MET A 228 -9.27 1.56 17.21
N VAL A 229 -9.62 2.59 16.43
CA VAL A 229 -10.60 2.39 15.36
C VAL A 229 -10.04 1.43 14.30
N ARG A 230 -8.76 1.59 13.98
CA ARG A 230 -8.10 0.71 13.03
C ARG A 230 -8.13 -0.75 13.50
N ALA A 231 -7.91 -0.96 14.80
CA ALA A 231 -7.92 -2.31 15.35
C ALA A 231 -9.30 -2.96 15.17
N ILE A 232 -10.36 -2.19 15.42
CA ILE A 232 -11.70 -2.69 15.22
C ILE A 232 -12.01 -2.95 13.74
N GLU A 233 -11.54 -2.06 12.88
CA GLU A 233 -11.77 -2.24 11.44
C GLU A 233 -11.03 -3.48 10.95
N VAL A 234 -9.81 -3.70 11.47
CA VAL A 234 -9.07 -4.91 11.10
C VAL A 234 -9.76 -6.17 11.62
N LEU A 235 -10.33 -6.08 12.82
CA LEU A 235 -11.14 -7.17 13.38
C LEU A 235 -12.30 -7.51 12.46
N LYS A 236 -13.02 -6.48 12.01
CA LYS A 236 -14.14 -6.69 11.09
C LYS A 236 -13.68 -7.38 9.79
N ASN A 237 -12.45 -7.07 9.36
CA ASN A 237 -11.92 -7.63 8.12
C ASN A 237 -11.12 -8.92 8.24
N SER A 238 -11.00 -9.44 9.47
CA SER A 238 -10.10 -10.56 9.73
C SER A 238 -10.69 -11.62 10.66
N TRP A 239 -11.93 -11.45 11.10
CA TRP A 239 -12.47 -12.33 12.14
C TRP A 239 -12.58 -13.80 11.71
N GLU A 240 -12.94 -14.05 10.46
CA GLU A 240 -13.01 -15.41 9.95
C GLU A 240 -11.65 -16.09 10.08
N GLU A 241 -10.58 -15.39 9.72
CA GLU A 241 -9.24 -15.96 9.78
C GLU A 241 -8.81 -16.15 11.22
N LEU A 242 -9.03 -15.13 12.04
CA LEU A 242 -8.71 -15.23 13.46
C LEU A 242 -9.37 -16.46 14.06
N CYS A 243 -10.65 -16.67 13.75
CA CYS A 243 -11.37 -17.81 14.31
C CYS A 243 -10.85 -19.14 13.78
N SER A 244 -10.38 -19.15 12.53
CA SER A 244 -9.79 -20.39 12.02
C SER A 244 -8.51 -20.77 12.80
N ASN A 245 -7.70 -19.77 13.19
CA ASN A 245 -6.49 -20.02 14.01
C ASN A 245 -6.86 -20.54 15.40
N ILE A 246 -7.86 -19.93 16.01
CA ILE A 246 -8.40 -20.40 17.28
C ILE A 246 -8.88 -21.86 17.16
N ARG A 247 -9.65 -22.15 16.11
CA ARG A 247 -10.16 -23.49 15.86
C ARG A 247 -9.04 -24.53 15.72
N SER A 248 -7.98 -24.17 15.00
CA SER A 248 -6.92 -25.15 14.69
C SER A 248 -5.82 -25.17 15.74
N GLY A 249 -5.74 -24.09 16.53
CA GLY A 249 -4.66 -23.90 17.48
C GLY A 249 -3.32 -23.54 16.83
N HIS A 250 -3.38 -23.13 15.57
CA HIS A 250 -2.20 -22.68 14.84
C HIS A 250 -2.33 -21.24 14.34
N LEU A 251 -1.24 -20.48 14.47
CA LEU A 251 -1.15 -19.12 13.93
C LEU A 251 -1.01 -19.21 12.40
N SER A 252 -1.64 -18.31 11.66
CA SER A 252 -1.49 -18.30 10.20
C SER A 252 -0.03 -18.19 9.75
N ASN A 253 0.32 -18.96 8.71
CA ASN A 253 1.68 -18.99 8.17
C ASN A 253 2.26 -17.64 7.75
N TRP A 254 1.40 -16.72 7.33
CA TRP A 254 1.90 -15.44 6.80
C TRP A 254 2.63 -14.58 7.83
N VAL A 255 2.38 -14.82 9.11
CA VAL A 255 3.07 -14.06 10.17
C VAL A 255 4.50 -14.57 10.27
N THR A 256 5.46 -13.74 9.90
CA THR A 256 6.85 -14.17 9.75
C THR A 256 7.69 -13.95 10.99
N ASP A 257 7.26 -13.03 11.85
CA ASP A 257 8.07 -12.70 13.04
C ASP A 257 8.21 -13.90 13.97
N LEU A 258 9.44 -14.34 14.18
CA LEU A 258 9.73 -15.47 15.06
C LEU A 258 9.18 -15.29 16.48
N GLY A 259 9.31 -14.09 17.04
CA GLY A 259 8.78 -13.80 18.37
C GLY A 259 7.28 -14.01 18.46
N CYS A 260 6.55 -13.52 17.47
CA CYS A 260 5.10 -13.72 17.42
C CYS A 260 4.75 -15.21 17.28
N GLN A 261 5.42 -15.89 16.35
CA GLN A 261 5.18 -17.31 16.14
C GLN A 261 5.32 -18.09 17.44
N ASN A 262 6.44 -17.92 18.13
CA ASN A 262 6.67 -18.71 19.33
C ASN A 262 5.69 -18.35 20.47
N SER A 263 5.54 -17.06 20.73
CA SER A 263 4.74 -16.61 21.87
C SER A 263 3.24 -16.85 21.66
N VAL A 264 2.76 -16.57 20.45
CA VAL A 264 1.34 -16.73 20.14
C VAL A 264 0.96 -18.22 20.09
N SER A 265 1.85 -19.06 19.59
CA SER A 265 1.60 -20.50 19.67
C SER A 265 1.30 -20.96 21.10
N LEU A 266 2.02 -20.42 22.08
CA LEU A 266 1.80 -20.78 23.48
C LEU A 266 0.45 -20.28 24.00
N VAL A 267 0.04 -19.08 23.58
CA VAL A 267 -1.28 -18.55 23.93
C VAL A 267 -2.40 -19.43 23.38
N LEU A 268 -2.26 -19.83 22.11
CA LEU A 268 -3.24 -20.71 21.47
C LEU A 268 -3.31 -22.05 22.21
N GLY A 269 -2.15 -22.66 22.46
CA GLY A 269 -2.07 -23.90 23.21
C GLY A 269 -2.45 -25.15 22.45
N GLY A 270 -3.66 -25.17 21.92
CA GLY A 270 -4.17 -26.32 21.18
C GLY A 270 -5.48 -25.93 20.54
N PRO A 271 -6.09 -26.83 19.77
CA PRO A 271 -7.36 -26.54 19.08
C PRO A 271 -8.45 -26.08 20.04
N ARG A 272 -9.13 -24.99 19.68
CA ARG A 272 -10.25 -24.49 20.45
C ARG A 272 -11.52 -24.31 19.60
N PRO A 273 -12.06 -25.42 19.06
CA PRO A 273 -13.22 -25.31 18.16
C PRO A 273 -14.44 -24.68 18.84
N GLU A 274 -14.63 -24.93 20.13
CA GLU A 274 -15.82 -24.39 20.80
C GLU A 274 -15.75 -22.88 20.98
N LEU A 275 -14.57 -22.39 21.33
CA LEU A 275 -14.37 -20.95 21.46
C LEU A 275 -14.51 -20.28 20.10
N ALA A 276 -13.96 -20.91 19.08
CA ALA A 276 -14.15 -20.43 17.70
C ALA A 276 -15.64 -20.32 17.35
N ASP A 277 -16.42 -21.36 17.66
CA ASP A 277 -17.86 -21.31 17.40
C ASP A 277 -18.51 -20.14 18.10
N THR A 278 -18.14 -19.93 19.36
CA THR A 278 -18.71 -18.86 20.17
C THR A 278 -18.43 -17.48 19.56
N ILE A 279 -17.17 -17.27 19.17
CA ILE A 279 -16.77 -16.00 18.58
C ILE A 279 -17.45 -15.81 17.22
N GLU A 280 -17.43 -16.85 16.39
CA GLU A 280 -18.10 -16.77 15.08
C GLU A 280 -19.57 -16.40 15.19
N GLU A 281 -20.29 -17.01 16.15
CA GLU A 281 -21.69 -16.63 16.35
C GLU A 281 -21.87 -15.16 16.70
N ILE A 282 -20.97 -14.61 17.51
CA ILE A 282 -21.04 -13.20 17.87
C ILE A 282 -20.81 -12.29 16.66
N CYS A 283 -19.77 -12.60 15.90
CA CYS A 283 -19.45 -11.80 14.71
C CYS A 283 -20.49 -11.91 13.61
N ASN A 284 -21.28 -12.98 13.58
CA ASN A 284 -22.29 -13.17 12.54
C ASN A 284 -23.63 -12.45 12.76
N GLN A 285 -23.73 -11.62 13.80
CA GLN A 285 -24.97 -10.88 14.00
C GLN A 285 -25.17 -9.85 12.88
N ASN A 286 -26.37 -9.29 12.78
CA ASN A 286 -26.71 -8.34 11.72
C ASN A 286 -25.83 -7.09 11.69
N SER A 287 -25.34 -6.68 12.86
CA SER A 287 -24.69 -5.38 12.98
C SER A 287 -23.42 -5.43 13.80
N TRP A 288 -22.49 -4.51 13.52
CA TRP A 288 -21.26 -4.37 14.29
C TRP A 288 -21.43 -3.45 15.50
N LYS A 289 -22.63 -2.87 15.65
CA LYS A 289 -22.92 -2.04 16.82
C LYS A 289 -22.57 -2.80 18.11
N GLY A 290 -21.81 -2.15 18.98
CA GLY A 290 -21.44 -2.71 20.26
C GLY A 290 -20.50 -3.91 20.23
N ILE A 291 -19.86 -4.16 19.09
CA ILE A 291 -19.08 -5.38 18.92
C ILE A 291 -17.99 -5.53 20.01
N VAL A 292 -17.36 -4.44 20.40
CA VAL A 292 -16.29 -4.52 21.39
C VAL A 292 -16.81 -5.05 22.72
N LYS A 293 -17.96 -4.56 23.16
CA LYS A 293 -18.49 -4.99 24.45
CA LYS A 293 -18.49 -4.99 24.45
C LYS A 293 -19.09 -6.40 24.37
N ARG A 294 -19.49 -6.81 23.18
CA ARG A 294 -20.02 -8.15 23.01
C ARG A 294 -18.92 -9.20 22.98
N LEU A 295 -17.79 -8.88 22.36
CA LEU A 295 -16.66 -9.82 22.32
C LEU A 295 -15.87 -9.81 23.62
N TRP A 296 -15.87 -8.66 24.29
CA TRP A 296 -15.12 -8.50 25.54
C TRP A 296 -16.05 -7.93 26.62
N PRO A 297 -16.93 -8.79 27.16
CA PRO A 297 -18.04 -8.34 28.00
C PRO A 297 -17.62 -7.78 29.36
N ASN A 298 -16.39 -8.02 29.80
CA ASN A 298 -15.91 -7.52 31.09
C ASN A 298 -15.12 -6.23 31.01
N THR A 299 -15.05 -5.66 29.82
CA THR A 299 -14.38 -4.38 29.59
C THR A 299 -15.05 -3.26 30.39
N LYS A 300 -14.26 -2.51 31.15
CA LYS A 300 -14.79 -1.43 32.00
C LYS A 300 -14.67 -0.06 31.32
N TYR A 301 -13.66 0.09 30.49
CA TYR A 301 -13.43 1.36 29.78
C TYR A 301 -12.50 1.15 28.58
N ILE A 302 -12.50 2.14 27.69
CA ILE A 302 -11.59 2.20 26.56
C ILE A 302 -10.54 3.27 26.86
N GLU A 303 -9.26 2.89 26.81
CA GLU A 303 -8.21 3.83 27.18
C GLU A 303 -7.49 4.34 25.94
N THR A 304 -7.82 5.57 25.52
CA THR A 304 -7.22 6.11 24.30
C THR A 304 -7.42 7.62 24.24
N VAL A 305 -6.47 8.32 23.64
CA VAL A 305 -6.61 9.77 23.48
C VAL A 305 -7.72 10.11 22.50
N VAL A 306 -8.66 10.95 22.95
CA VAL A 306 -9.77 11.36 22.09
C VAL A 306 -9.86 12.88 21.95
N THR A 307 -8.76 13.55 22.26
CA THR A 307 -8.72 15.01 22.16
C THR A 307 -7.97 15.47 20.91
N GLY A 308 -8.02 16.76 20.62
CA GLY A 308 -7.43 17.28 19.39
C GLY A 308 -8.02 16.63 18.15
N SER A 309 -7.17 16.25 17.21
CA SER A 309 -7.65 15.68 15.95
C SER A 309 -8.32 14.33 16.17
N MET A 310 -8.03 13.71 17.31
CA MET A 310 -8.62 12.41 17.62
C MET A 310 -10.10 12.47 17.98
N GLY A 311 -10.60 13.66 18.26
CA GLY A 311 -12.01 13.82 18.59
C GLY A 311 -12.92 13.33 17.47
N GLN A 312 -12.40 13.29 16.24
CA GLN A 312 -13.23 12.89 15.10
C GLN A 312 -13.66 11.43 15.19
N TYR A 313 -12.96 10.64 16.01
CA TYR A 313 -13.20 9.20 16.08
C TYR A 313 -14.20 8.81 17.17
N VAL A 314 -14.59 9.78 17.99
CA VAL A 314 -15.48 9.51 19.12
C VAL A 314 -16.82 8.87 18.73
N PRO A 315 -17.48 9.39 17.67
CA PRO A 315 -18.75 8.74 17.33
C PRO A 315 -18.58 7.27 16.93
N MET A 316 -17.55 6.94 16.14
CA MET A 316 -17.34 5.54 15.76
C MET A 316 -17.00 4.68 16.98
N LEU A 317 -16.14 5.18 17.86
CA LEU A 317 -15.85 4.46 19.09
C LEU A 317 -17.09 4.15 19.92
N ASN A 318 -17.94 5.16 20.14
CA ASN A 318 -19.17 4.93 20.91
C ASN A 318 -20.08 3.90 20.25
N TYR A 319 -20.10 3.89 18.93
CA TYR A 319 -20.90 2.92 18.20
C TYR A 319 -20.42 1.49 18.46
N TYR A 320 -19.12 1.28 18.32
CA TYR A 320 -18.51 -0.04 18.50
C TYR A 320 -18.41 -0.50 19.96
N CYS A 321 -18.46 0.46 20.89
CA CYS A 321 -18.16 0.15 22.29
C CYS A 321 -19.37 0.32 23.24
N ASN A 322 -20.55 0.56 22.67
CA ASN A 322 -21.77 0.75 23.45
CA ASN A 322 -21.77 0.74 23.47
C ASN A 322 -21.59 1.76 24.59
N ASP A 323 -21.01 2.91 24.27
CA ASP A 323 -20.84 3.96 25.25
C ASP A 323 -20.16 3.54 26.56
N LEU A 324 -19.24 2.57 26.47
CA LEU A 324 -18.24 2.40 27.51
C LEU A 324 -17.54 3.75 27.62
N PRO A 325 -17.07 4.10 28.82
CA PRO A 325 -16.33 5.36 28.96
C PRO A 325 -15.08 5.37 28.09
N LEU A 326 -14.82 6.49 27.42
CA LEU A 326 -13.57 6.70 26.72
C LEU A 326 -12.66 7.55 27.60
N VAL A 327 -11.57 6.95 28.06
CA VAL A 327 -10.68 7.60 29.03
C VAL A 327 -9.41 8.06 28.33
N SER A 328 -9.25 9.39 28.27
CA SER A 328 -8.18 10.06 27.58
C SER A 328 -7.22 10.59 28.66
N THR A 329 -6.10 9.92 28.87
CA THR A 329 -5.31 10.16 30.08
C THR A 329 -4.19 11.20 29.98
N THR A 330 -3.52 11.25 28.83
CA THR A 330 -2.18 11.83 28.78
C THR A 330 -1.95 12.74 27.59
N TYR A 331 -1.24 13.84 27.86
CA TYR A 331 -0.82 14.78 26.82
C TYR A 331 0.70 14.82 26.89
N GLY A 332 1.35 14.55 25.77
CA GLY A 332 2.81 14.48 25.74
C GLY A 332 3.36 14.74 24.36
N SER A 333 4.67 15.03 24.28
CA SER A 333 5.31 15.31 23.00
C SER A 333 6.75 14.83 23.07
N SER A 334 7.46 14.96 21.95
CA SER A 334 8.87 14.57 21.88
CA SER A 334 8.86 14.56 21.90
C SER A 334 9.75 15.46 22.76
N GLU A 335 9.25 16.64 23.14
CA GLU A 335 9.98 17.51 24.05
C GLU A 335 9.88 17.06 25.51
N THR A 336 8.70 16.59 25.89
CA THR A 336 8.44 16.19 27.26
C THR A 336 7.01 15.69 27.37
N THR A 337 6.75 14.85 28.37
CA THR A 337 5.38 14.54 28.74
C THR A 337 4.87 15.78 29.48
N PHE A 338 3.62 16.17 29.24
CA PHE A 338 3.10 17.37 29.87
C PHE A 338 2.32 17.05 31.15
N GLY A 339 1.28 16.22 31.04
CA GLY A 339 0.52 15.87 32.21
C GLY A 339 -0.67 15.00 31.89
N ILE A 340 -1.60 14.92 32.84
CA ILE A 340 -2.67 13.95 32.75
C ILE A 340 -4.05 14.50 33.07
N ASN A 341 -5.06 13.72 32.70
CA ASN A 341 -6.44 14.07 32.94
C ASN A 341 -6.87 13.60 34.34
N LEU A 342 -7.13 14.55 35.22
CA LEU A 342 -7.52 14.22 36.58
C LEU A 342 -9.02 13.97 36.75
N ASP A 343 -9.78 14.08 35.67
CA ASP A 343 -11.21 13.73 35.68
C ASP A 343 -11.48 12.76 34.53
N PRO A 344 -10.95 11.53 34.65
CA PRO A 344 -10.91 10.56 33.54
C PRO A 344 -12.29 10.16 33.02
N LEU A 345 -13.33 10.25 33.85
CA LEU A 345 -14.65 9.80 33.42
C LEU A 345 -15.50 10.88 32.72
N CYS A 346 -14.91 12.04 32.44
CA CYS A 346 -15.61 13.13 31.74
C CYS A 346 -15.83 12.79 30.26
N LYS A 347 -16.72 13.53 29.61
CA LYS A 347 -16.91 13.38 28.17
C LYS A 347 -15.67 13.88 27.41
N PRO A 348 -15.40 13.29 26.22
CA PRO A 348 -14.23 13.67 25.43
C PRO A 348 -14.11 15.17 25.21
N GLU A 349 -15.22 15.83 24.91
CA GLU A 349 -15.21 17.27 24.65
C GLU A 349 -14.88 18.09 25.90
N ASP A 350 -14.92 17.45 27.07
CA ASP A 350 -14.67 18.16 28.33
C ASP A 350 -13.29 17.83 28.94
N VAL A 351 -12.47 17.10 28.21
CA VAL A 351 -11.15 16.71 28.72
C VAL A 351 -10.17 17.86 28.81
N SER A 352 -9.59 18.01 30.00
CA SER A 352 -8.45 18.92 30.20
C SER A 352 -7.30 18.15 30.84
N TYR A 353 -6.09 18.62 30.58
CA TYR A 353 -4.87 17.97 31.07
C TYR A 353 -4.18 18.88 32.08
N THR A 354 -3.90 18.34 33.25
CA THR A 354 -3.22 19.10 34.30
C THR A 354 -1.73 18.86 34.17
N PHE A 355 -0.95 19.91 33.87
CA PHE A 355 0.47 19.72 33.68
C PHE A 355 1.12 19.31 35.01
N MET A 356 2.10 18.42 34.97
CA MET A 356 2.77 17.98 36.18
C MET A 356 4.10 18.71 36.32
N PRO A 357 4.27 19.40 37.46
CA PRO A 357 5.37 20.38 37.57
C PRO A 357 6.74 19.75 37.71
N ASN A 358 6.80 18.41 37.76
CA ASN A 358 8.08 17.73 37.81
C ASN A 358 8.58 17.27 36.43
N MET A 359 7.81 17.56 35.38
CA MET A 359 8.14 17.06 34.04
C MET A 359 9.24 17.84 33.33
N SER A 360 9.10 19.15 33.34
CA SER A 360 10.03 20.08 32.68
C SER A 360 9.67 21.43 33.26
N TYR A 361 10.49 22.44 32.98
CA TYR A 361 10.15 23.80 33.38
C TYR A 361 9.31 24.43 32.26
N PHE A 362 8.09 24.80 32.60
CA PHE A 362 7.13 25.22 31.56
C PHE A 362 6.91 26.73 31.54
N GLU A 363 6.94 27.30 30.34
CA GLU A 363 6.49 28.68 30.18
C GLU A 363 5.45 28.73 29.06
N PHE A 364 4.79 29.88 28.93
CA PHE A 364 3.65 30.00 28.04
C PHE A 364 3.57 31.35 27.32
N ILE A 365 3.51 31.30 25.99
CA ILE A 365 3.36 32.50 25.17
C ILE A 365 1.88 32.74 24.85
N PRO A 366 1.33 33.90 25.26
CA PRO A 366 -0.08 34.18 24.99
C PRO A 366 -0.40 34.23 23.51
N MET A 367 -1.53 33.63 23.13
CA MET A 367 -1.93 33.52 21.74
C MET A 367 -3.24 34.26 21.48
N ASP A 368 -3.71 34.99 22.47
CA ASP A 368 -4.88 35.87 22.28
C ASP A 368 -4.75 37.11 23.16
N GLY A 369 -5.70 38.03 23.03
CA GLY A 369 -5.61 39.32 23.71
C GLY A 369 -5.91 39.30 25.21
N GLY A 370 -6.29 38.13 25.73
CA GLY A 370 -6.66 38.03 27.14
C GLY A 370 -5.48 38.18 28.06
N ASP A 371 -4.28 37.89 27.55
CA ASP A 371 -3.06 38.00 28.34
C ASP A 371 -2.06 38.81 27.54
N LYS A 372 -1.70 39.98 28.05
CA LYS A 372 -0.85 40.91 27.31
C LYS A 372 0.64 40.80 27.61
N ASN A 373 1.02 39.81 28.43
CA ASN A 373 2.42 39.57 28.73
C ASN A 373 3.14 38.96 27.54
N ASP A 374 4.48 39.01 27.54
CA ASP A 374 5.24 38.39 26.45
C ASP A 374 5.32 36.87 26.64
N VAL A 375 5.58 36.45 27.88
CA VAL A 375 5.67 35.04 28.21
C VAL A 375 5.45 34.92 29.73
N VAL A 376 4.81 33.83 30.16
CA VAL A 376 4.48 33.69 31.58
C VAL A 376 4.77 32.29 32.11
N ASP A 377 5.04 32.21 33.41
CA ASP A 377 5.23 30.91 34.08
C ASP A 377 3.93 30.12 34.17
N LEU A 378 4.06 28.81 34.38
CA LEU A 378 2.93 27.92 34.59
C LEU A 378 1.98 28.49 35.63
N GLU A 379 2.50 28.93 36.76
CA GLU A 379 1.61 29.38 37.86
C GLU A 379 0.85 30.68 37.58
N ASP A 380 1.14 31.33 36.45
CA ASP A 380 0.57 32.64 36.12
C ASP A 380 -0.41 32.66 34.94
N VAL A 381 -0.63 31.52 34.30
CA VAL A 381 -1.55 31.48 33.16
C VAL A 381 -3.00 31.83 33.56
N LYS A 382 -3.76 32.44 32.64
CA LYS A 382 -5.09 32.96 32.94
C LYS A 382 -6.22 32.12 32.40
N LEU A 383 -7.29 31.99 33.18
CA LEU A 383 -8.46 31.22 32.79
C LEU A 383 -9.04 31.72 31.47
N GLY A 384 -9.34 30.81 30.55
CA GLY A 384 -9.97 31.17 29.29
C GLY A 384 -9.03 31.74 28.23
N CYS A 385 -7.74 31.77 28.54
CA CYS A 385 -6.75 32.29 27.60
C CYS A 385 -5.98 31.18 26.92
N THR A 386 -5.55 31.43 25.68
CA THR A 386 -4.82 30.40 24.94
C THR A 386 -3.33 30.73 24.97
N TYR A 387 -2.51 29.69 24.92
CA TYR A 387 -1.05 29.86 24.98
C TYR A 387 -0.35 28.84 24.11
N GLU A 388 0.88 29.15 23.71
CA GLU A 388 1.81 28.13 23.22
C GLU A 388 2.77 27.73 24.35
N PRO A 389 2.81 26.43 24.69
CA PRO A 389 3.76 26.00 25.71
C PRO A 389 5.22 26.11 25.25
N VAL A 390 6.10 26.37 26.22
CA VAL A 390 7.53 26.53 25.99
C VAL A 390 8.20 25.62 27.03
N VAL A 391 9.18 24.84 26.61
CA VAL A 391 9.73 23.74 27.41
C VAL A 391 11.24 23.86 27.65
N THR A 392 11.64 23.75 28.90
CA THR A 392 13.05 23.56 29.24
C THR A 392 13.16 22.18 29.88
N ASN A 393 13.90 21.27 29.23
CA ASN A 393 13.93 19.88 29.69
C ASN A 393 15.28 19.38 30.21
N PHE A 394 15.40 18.06 30.39
CA PHE A 394 16.61 17.45 30.92
C PHE A 394 17.55 16.89 29.83
N ALA A 395 17.34 17.31 28.58
CA ALA A 395 18.11 16.76 27.48
C ALA A 395 18.61 17.85 26.53
N GLY A 396 18.75 19.07 27.04
CA GLY A 396 19.40 20.11 26.24
C GLY A 396 18.50 21.08 25.51
N LEU A 397 17.19 21.02 25.73
CA LEU A 397 16.29 22.04 25.19
C LEU A 397 16.06 23.10 26.25
N TYR A 398 16.29 24.37 25.88
CA TYR A 398 16.03 25.49 26.78
C TYR A 398 15.06 26.47 26.11
N ARG A 399 13.94 26.69 26.79
CA ARG A 399 12.88 27.58 26.33
C ARG A 399 12.45 27.34 24.88
N MET A 400 12.19 26.07 24.57
CA MET A 400 11.78 25.64 23.23
C MET A 400 10.26 25.69 23.02
N ARG A 401 9.80 26.44 22.03
CA ARG A 401 8.39 26.45 21.65
C ARG A 401 7.93 25.10 21.11
N VAL A 402 6.74 24.67 21.55
CA VAL A 402 6.23 23.35 21.24
C VAL A 402 5.35 23.35 19.99
N GLY A 403 4.78 24.50 19.67
CA GLY A 403 3.94 24.61 18.49
C GLY A 403 2.50 24.16 18.66
N ASP A 404 2.14 23.79 19.89
CA ASP A 404 0.75 23.44 20.20
C ASP A 404 0.04 24.66 20.75
N ILE A 405 -1.30 24.64 20.70
CA ILE A 405 -2.09 25.71 21.30
C ILE A 405 -2.97 25.10 22.39
N VAL A 406 -2.89 25.64 23.59
CA VAL A 406 -3.69 25.12 24.72
C VAL A 406 -4.54 26.23 25.33
N LEU A 407 -5.67 25.85 25.92
CA LEU A 407 -6.60 26.80 26.52
C LEU A 407 -6.74 26.48 28.02
N VAL A 408 -6.53 27.47 28.89
CA VAL A 408 -6.70 27.25 30.33
C VAL A 408 -8.19 27.10 30.65
N THR A 409 -8.55 25.99 31.26
CA THR A 409 -9.95 25.71 31.60
C THR A 409 -10.19 25.75 33.10
N GLY A 410 -9.12 25.70 33.90
CA GLY A 410 -9.28 25.74 35.34
C GLY A 410 -7.99 25.47 36.08
N PHE A 411 -8.09 25.24 37.39
CA PHE A 411 -6.91 24.97 38.24
C PHE A 411 -7.28 23.90 39.26
N TYR A 412 -6.46 22.87 39.35
CA TYR A 412 -6.68 21.80 40.32
C TYR A 412 -5.69 22.08 41.44
N ASN A 413 -6.19 22.49 42.59
CA ASN A 413 -5.34 23.13 43.60
C ASN A 413 -4.60 24.28 42.90
N ASN A 414 -3.27 24.26 42.88
CA ASN A 414 -2.51 25.30 42.20
C ASN A 414 -1.96 24.89 40.81
N ALA A 415 -2.48 23.80 40.26
CA ALA A 415 -2.02 23.30 38.97
C ALA A 415 -3.02 23.62 37.86
N PRO A 416 -2.62 24.48 36.91
CA PRO A 416 -3.45 24.82 35.74
C PRO A 416 -3.85 23.60 34.94
N GLN A 417 -5.07 23.63 34.43
CA GLN A 417 -5.60 22.57 33.60
C GLN A 417 -5.86 23.12 32.19
N PHE A 418 -5.49 22.35 31.18
CA PHE A 418 -5.49 22.84 29.81
C PHE A 418 -6.30 21.98 28.85
N LYS A 419 -7.11 22.61 28.01
CA LYS A 419 -7.73 21.89 26.91
C LYS A 419 -6.78 21.97 25.71
N PHE A 420 -6.53 20.84 25.05
CA PHE A 420 -5.74 20.87 23.83
C PHE A 420 -6.58 21.45 22.71
N VAL A 421 -6.12 22.52 22.08
CA VAL A 421 -6.89 23.15 21.01
C VAL A 421 -6.48 22.60 19.64
N ARG A 422 -5.21 22.78 19.29
CA ARG A 422 -4.72 22.34 17.99
C ARG A 422 -3.20 22.39 17.96
N ARG A 423 -2.61 21.67 17.00
CA ARG A 423 -1.22 21.93 16.66
C ARG A 423 -1.21 23.05 15.63
N GLU A 424 -0.43 24.09 15.90
CA GLU A 424 -0.47 25.28 15.06
C GLU A 424 -0.06 24.95 13.63
N ASN A 425 -0.79 25.53 12.67
CA ASN A 425 -0.50 25.35 11.25
C ASN A 425 -0.92 24.02 10.64
N VAL A 426 -1.37 23.07 11.47
CA VAL A 426 -1.84 21.78 10.96
C VAL A 426 -3.23 21.90 10.34
N VAL A 427 -3.35 21.50 9.07
CA VAL A 427 -4.63 21.58 8.36
C VAL A 427 -5.28 20.22 8.15
N LEU A 428 -4.47 19.17 8.06
CA LEU A 428 -4.99 17.83 7.80
C LEU A 428 -4.36 16.80 8.72
N SER A 429 -5.19 16.03 9.40
CA SER A 429 -4.70 14.94 10.24
C SER A 429 -5.71 13.80 10.35
N ILE A 430 -5.31 12.60 9.96
CA ILE A 430 -6.11 11.40 10.16
C ILE A 430 -5.57 10.47 11.26
N ASP A 431 -4.26 10.21 11.23
CA ASP A 431 -3.61 9.25 12.11
C ASP A 431 -2.48 9.98 12.81
N SER A 432 -1.25 9.53 12.67
CA SER A 432 -0.13 10.31 13.22
C SER A 432 0.37 11.44 12.34
N ASP A 433 -0.06 11.41 11.07
CA ASP A 433 0.23 12.48 10.13
C ASP A 433 -0.31 13.81 10.63
N LYS A 434 0.52 14.85 10.55
CA LYS A 434 0.09 16.21 10.84
C LYS A 434 0.53 17.14 9.72
N THR A 435 -0.22 17.12 8.61
CA THR A 435 0.09 17.93 7.46
C THR A 435 -0.29 19.38 7.70
N ASN A 436 0.68 20.29 7.56
CA ASN A 436 0.41 21.70 7.81
C ASN A 436 0.16 22.50 6.54
N GLU A 437 -0.27 23.75 6.69
CA GLU A 437 -0.62 24.60 5.57
C GLU A 437 0.50 24.67 4.52
N GLU A 438 1.74 24.71 4.99
CA GLU A 438 2.91 24.82 4.11
C GLU A 438 3.08 23.60 3.21
N ASP A 439 2.95 22.41 3.79
CA ASP A 439 3.06 21.16 3.05
C ASP A 439 2.00 21.08 1.95
N LEU A 440 0.80 21.53 2.29
CA LEU A 440 -0.33 21.49 1.37
C LEU A 440 -0.16 22.51 0.24
N PHE A 441 0.47 23.64 0.57
CA PHE A 441 0.77 24.66 -0.42
C PHE A 441 1.73 24.11 -1.47
N LYS A 442 2.79 23.43 -1.00
CA LYS A 442 3.76 22.82 -1.89
C LYS A 442 3.12 21.75 -2.77
N ALA A 443 2.20 20.98 -2.20
CA ALA A 443 1.51 19.93 -2.94
C ALA A 443 0.63 20.51 -4.05
N VAL A 444 -0.21 21.47 -3.72
CA VAL A 444 -1.10 22.05 -4.72
C VAL A 444 -0.38 22.82 -5.77
N SER A 445 0.79 23.34 -5.42
CA SER A 445 1.66 23.92 -6.39
C SER A 445 1.99 22.83 -7.39
N GLN A 446 2.58 21.74 -6.90
CA GLN A 446 3.03 20.69 -7.77
C GLN A 446 1.88 20.20 -8.65
N ALA A 447 0.65 20.28 -8.15
CA ALA A 447 -0.53 19.93 -8.94
C ALA A 447 -0.73 20.92 -10.08
N THR A 462 -9.03 24.01 -1.58
CA THR A 462 -9.14 23.73 -0.16
C THR A 462 -9.15 22.21 0.10
N SER A 463 -9.21 21.83 1.38
CA SER A 463 -9.10 20.43 1.73
C SER A 463 -9.98 20.04 2.91
N TYR A 464 -10.08 18.73 3.13
CA TYR A 464 -10.91 18.18 4.19
C TYR A 464 -10.43 16.77 4.51
N ALA A 465 -10.38 16.44 5.81
CA ALA A 465 -9.98 15.11 6.24
C ALA A 465 -11.22 14.21 6.34
N ASP A 466 -11.31 13.26 5.42
CA ASP A 466 -12.48 12.39 5.32
C ASP A 466 -12.24 11.11 6.10
N THR A 467 -13.01 10.92 7.18
CA THR A 467 -12.94 9.67 7.96
C THR A 467 -14.29 8.98 8.02
N SER A 468 -15.16 9.28 7.06
CA SER A 468 -16.47 8.65 6.98
C SER A 468 -16.33 7.18 6.62
N THR A 469 -15.17 6.82 6.07
CA THR A 469 -14.85 5.44 5.77
C THR A 469 -13.44 5.09 6.23
N PHE A 470 -13.13 3.80 6.30
CA PHE A 470 -11.81 3.36 6.71
C PHE A 470 -11.05 2.69 5.57
N PRO A 471 -9.78 3.07 5.38
CA PRO A 471 -9.11 4.09 6.20
C PRO A 471 -9.57 5.49 5.83
N GLY A 472 -9.27 6.48 6.67
CA GLY A 472 -9.55 7.86 6.34
C GLY A 472 -8.63 8.31 5.21
N HIS A 473 -8.99 9.39 4.53
CA HIS A 473 -8.16 9.89 3.44
C HIS A 473 -8.32 11.40 3.24
N TYR A 474 -7.28 12.03 2.70
CA TYR A 474 -7.33 13.46 2.40
C TYR A 474 -8.20 13.69 1.17
N VAL A 475 -8.95 14.79 1.18
CA VAL A 475 -9.78 15.18 0.05
C VAL A 475 -9.49 16.63 -0.34
N VAL A 476 -8.91 16.83 -1.53
CA VAL A 476 -8.58 18.18 -1.97
C VAL A 476 -9.51 18.67 -3.08
N TYR A 477 -10.28 19.71 -2.79
CA TYR A 477 -11.13 20.34 -3.80
C TYR A 477 -10.28 21.25 -4.69
N LEU A 478 -10.41 21.10 -5.99
CA LEU A 478 -9.68 21.94 -6.93
C LEU A 478 -10.60 22.64 -7.92
N GLU A 494 -14.81 15.96 -21.54
CA GLU A 494 -14.45 15.28 -20.31
C GLU A 494 -13.08 15.72 -19.81
N LEU A 495 -12.75 15.33 -18.59
CA LEU A 495 -11.44 15.64 -18.02
C LEU A 495 -10.42 14.55 -18.34
N ASP A 496 -9.17 14.96 -18.46
CA ASP A 496 -8.08 14.02 -18.65
C ASP A 496 -7.86 13.26 -17.34
N GLU A 497 -8.45 12.08 -17.24
CA GLU A 497 -8.35 11.29 -16.00
C GLU A 497 -6.91 10.88 -15.69
N GLU A 498 -6.09 10.73 -16.73
CA GLU A 498 -4.67 10.44 -16.52
C GLU A 498 -4.02 11.65 -15.84
N ALA A 499 -4.36 12.84 -16.32
CA ALA A 499 -3.79 14.08 -15.81
C ALA A 499 -4.18 14.36 -14.36
N LEU A 500 -5.46 14.20 -14.06
CA LEU A 500 -5.97 14.49 -12.73
C LEU A 500 -5.67 13.39 -11.70
N SER A 501 -5.39 12.18 -12.20
CA SER A 501 -4.94 11.11 -11.33
C SER A 501 -3.46 11.32 -10.98
N THR A 502 -2.73 11.95 -11.90
CA THR A 502 -1.34 12.31 -11.66
C THR A 502 -1.25 13.46 -10.67
N CYS A 503 -2.24 14.35 -10.71
CA CYS A 503 -2.33 15.44 -9.73
C CYS A 503 -2.43 14.89 -8.31
N CYS A 504 -3.36 13.96 -8.11
CA CYS A 504 -3.51 13.28 -6.82
C CYS A 504 -2.17 12.70 -6.40
N LEU A 505 -1.47 12.15 -7.37
CA LEU A 505 -0.20 11.46 -7.12
C LEU A 505 0.88 12.42 -6.64
N VAL A 506 1.23 13.39 -7.47
CA VAL A 506 2.29 14.35 -7.12
C VAL A 506 1.98 15.09 -5.82
N MET A 507 0.69 15.22 -5.49
CA MET A 507 0.30 15.85 -4.24
C MET A 507 0.72 15.00 -3.04
N GLU A 508 0.44 13.70 -3.11
CA GLU A 508 0.83 12.78 -2.05
C GLU A 508 2.35 12.65 -1.94
N GLU A 509 3.02 12.54 -3.08
CA GLU A 509 4.46 12.39 -3.09
C GLU A 509 5.18 13.58 -2.43
N SER A 510 4.50 14.71 -2.37
CA SER A 510 5.11 15.90 -1.78
C SER A 510 4.86 16.02 -0.27
N LEU A 511 4.01 15.13 0.28
CA LEU A 511 3.76 15.12 1.72
C LEU A 511 4.94 14.48 2.46
N ASP A 512 4.85 14.39 3.78
CA ASP A 512 6.01 13.96 4.57
C ASP A 512 6.05 12.46 4.90
N ASN A 513 7.17 12.03 5.49
CA ASN A 513 7.42 10.62 5.76
C ASN A 513 6.43 9.97 6.72
N VAL A 514 5.92 10.76 7.67
CA VAL A 514 4.88 10.26 8.55
C VAL A 514 3.66 9.88 7.72
N TYR A 515 3.24 10.79 6.84
CA TYR A 515 2.10 10.53 5.96
C TYR A 515 2.32 9.25 5.15
N LYS A 516 3.49 9.15 4.52
CA LYS A 516 3.78 8.02 3.66
C LYS A 516 3.85 6.69 4.41
N ARG A 517 4.25 6.74 5.69
CA ARG A 517 4.26 5.54 6.50
C ARG A 517 2.83 5.09 6.80
N CYS A 518 1.97 6.04 7.18
CA CYS A 518 0.57 5.76 7.44
C CYS A 518 -0.14 5.29 6.18
N ARG A 519 0.26 5.84 5.05
CA ARG A 519 -0.42 5.57 3.78
C ARG A 519 0.01 4.24 3.17
N PHE A 520 1.31 4.05 3.01
CA PHE A 520 1.82 2.91 2.23
C PHE A 520 2.24 1.70 3.07
N LYS A 521 2.50 1.91 4.36
CA LYS A 521 2.94 0.82 5.22
C LYS A 521 1.86 0.38 6.21
N ASP A 522 1.34 1.32 6.98
CA ASP A 522 0.34 1.01 7.99
C ASP A 522 -1.04 0.76 7.36
N GLY A 523 -1.30 1.44 6.26
CA GLY A 523 -2.62 1.37 5.63
C GLY A 523 -3.66 2.11 6.44
N SER A 524 -3.20 3.00 7.32
CA SER A 524 -4.10 3.80 8.15
C SER A 524 -4.66 4.99 7.38
N ILE A 525 -4.09 5.25 6.21
CA ILE A 525 -4.58 6.32 5.35
C ILE A 525 -4.77 5.80 3.92
N GLY A 526 -5.92 6.11 3.34
CA GLY A 526 -6.21 5.67 1.99
C GLY A 526 -5.69 6.62 0.94
N PRO A 527 -5.94 6.32 -0.34
CA PRO A 527 -5.52 7.18 -1.45
C PRO A 527 -6.12 8.59 -1.37
N LEU A 528 -5.26 9.59 -1.48
CA LEU A 528 -5.71 10.97 -1.54
C LEU A 528 -6.67 11.14 -2.69
N GLU A 529 -7.71 11.94 -2.46
CA GLU A 529 -8.77 12.14 -3.45
C GLU A 529 -8.87 13.60 -3.87
N ILE A 530 -8.88 13.84 -5.18
CA ILE A 530 -9.13 15.18 -5.69
C ILE A 530 -10.56 15.30 -6.21
N ARG A 531 -11.27 16.31 -5.72
CA ARG A 531 -12.64 16.55 -6.16
C ARG A 531 -12.73 17.88 -6.90
N VAL A 532 -12.73 17.80 -8.23
CA VAL A 532 -12.73 18.99 -9.09
C VAL A 532 -14.06 19.74 -9.02
N LYS A 577 -14.32 13.29 -9.57
CA LYS A 577 -13.48 12.75 -8.51
C LYS A 577 -12.38 11.87 -9.07
N PHE A 578 -11.16 12.04 -8.56
CA PHE A 578 -10.04 11.22 -8.97
C PHE A 578 -9.26 10.80 -7.72
N PHE A 579 -8.54 9.69 -7.83
CA PHE A 579 -7.76 9.16 -6.71
C PHE A 579 -6.31 8.91 -7.10
N SER A 580 -5.42 8.94 -6.10
CA SER A 580 -4.01 8.68 -6.34
C SER A 580 -3.74 7.18 -6.54
N GLU B 15 -10.68 -31.20 -38.73
CA GLU B 15 -10.35 -30.98 -40.12
C GLU B 15 -10.29 -29.49 -40.44
N THR B 16 -11.26 -28.74 -39.91
CA THR B 16 -11.39 -27.34 -40.22
C THR B 16 -10.21 -26.54 -39.69
N PHE B 17 -9.85 -26.77 -38.42
CA PHE B 17 -8.69 -26.09 -37.85
C PHE B 17 -7.38 -26.46 -38.54
N GLU B 18 -7.20 -27.75 -38.81
CA GLU B 18 -6.01 -28.20 -39.54
C GLU B 18 -5.84 -27.44 -40.85
N LYS B 19 -6.92 -27.39 -41.62
CA LYS B 19 -6.90 -26.66 -42.89
C LYS B 19 -6.71 -25.17 -42.66
N GLN B 20 -7.37 -24.66 -41.62
CA GLN B 20 -7.28 -23.26 -41.30
C GLN B 20 -5.83 -22.83 -41.06
N LEU B 21 -5.15 -23.60 -40.21
CA LEU B 21 -3.78 -23.23 -39.83
C LEU B 21 -2.84 -23.45 -41.02
N LYS B 22 -3.04 -24.54 -41.75
CA LYS B 22 -2.26 -24.76 -42.96
C LYS B 22 -2.35 -23.56 -43.91
N ASP B 23 -3.57 -23.08 -44.17
CA ASP B 23 -3.75 -21.95 -45.07
C ASP B 23 -3.12 -20.66 -44.56
N LEU B 24 -3.37 -20.31 -43.29
CA LEU B 24 -2.79 -19.12 -42.71
C LEU B 24 -1.27 -19.11 -42.84
N THR B 25 -0.65 -20.26 -42.60
CA THR B 25 0.81 -20.29 -42.53
C THR B 25 1.45 -20.56 -43.86
N SER B 26 0.66 -21.04 -44.83
CA SER B 26 1.21 -21.31 -46.17
C SER B 26 1.05 -20.14 -47.14
N ASN B 27 -0.01 -19.36 -46.97
CA ASN B 27 -0.31 -18.27 -47.91
C ASN B 27 -0.01 -16.88 -47.33
N VAL B 28 1.08 -16.77 -46.60
CA VAL B 28 1.43 -15.55 -45.89
C VAL B 28 1.59 -14.33 -46.78
N LYS B 29 2.28 -14.48 -47.91
CA LYS B 29 2.48 -13.34 -48.80
CA LYS B 29 2.49 -13.34 -48.78
C LYS B 29 1.17 -12.79 -49.32
N SER B 30 0.31 -13.67 -49.82
CA SER B 30 -0.96 -13.21 -50.38
C SER B 30 -1.94 -12.71 -49.31
N ILE B 31 -1.90 -13.33 -48.12
CA ILE B 31 -2.75 -12.86 -47.03
C ILE B 31 -2.34 -11.46 -46.57
N GLN B 32 -1.03 -11.23 -46.43
CA GLN B 32 -0.55 -9.90 -46.06
C GLN B 32 -0.88 -8.85 -47.13
N ASP B 33 -0.63 -9.16 -48.39
CA ASP B 33 -0.90 -8.20 -49.46
C ASP B 33 -2.39 -7.88 -49.52
N ASN B 34 -3.25 -8.89 -49.40
CA ASN B 34 -4.69 -8.67 -49.36
C ASN B 34 -5.14 -7.87 -48.13
N LEU B 35 -4.46 -8.08 -47.00
CA LEU B 35 -4.81 -7.36 -45.77
C LEU B 35 -4.47 -5.87 -45.92
N LEU B 36 -3.33 -5.58 -46.54
CA LEU B 36 -2.95 -4.18 -46.73
C LEU B 36 -4.00 -3.47 -47.58
N GLU B 37 -4.49 -4.14 -48.62
CA GLU B 37 -5.55 -3.58 -49.45
C GLU B 37 -6.84 -3.39 -48.65
N GLU B 38 -7.20 -4.38 -47.82
CA GLU B 38 -8.41 -4.30 -47.00
C GLU B 38 -8.35 -3.07 -46.06
N ILE B 39 -7.19 -2.86 -45.46
CA ILE B 39 -6.98 -1.74 -44.53
C ILE B 39 -6.93 -0.40 -45.24
N ILE B 40 -6.13 -0.33 -46.31
CA ILE B 40 -5.87 0.96 -46.94
C ILE B 40 -7.04 1.48 -47.79
N THR B 41 -7.71 0.59 -48.50
CA THR B 41 -8.76 1.02 -49.44
C THR B 41 -9.78 2.00 -48.86
N PRO B 42 -10.42 1.65 -47.73
CA PRO B 42 -11.40 2.59 -47.17
C PRO B 42 -10.78 3.82 -46.51
N ASN B 43 -9.45 3.87 -46.41
CA ASN B 43 -8.76 4.95 -45.70
C ASN B 43 -8.03 5.98 -46.56
N THR B 44 -8.08 5.81 -47.88
CA THR B 44 -7.33 6.69 -48.77
C THR B 44 -7.78 8.15 -48.67
N LYS B 45 -8.99 8.38 -48.16
CA LYS B 45 -9.50 9.75 -48.06
C LYS B 45 -9.49 10.30 -46.62
N THR B 46 -8.80 9.63 -45.71
CA THR B 46 -8.59 10.17 -44.37
C THR B 46 -7.58 11.30 -44.46
N GLU B 47 -7.68 12.28 -43.56
CA GLU B 47 -6.73 13.39 -43.53
C GLU B 47 -5.30 12.86 -43.61
N TYR B 48 -5.02 11.85 -42.80
CA TYR B 48 -3.67 11.32 -42.65
C TYR B 48 -3.09 10.77 -43.96
N LEU B 49 -3.83 9.83 -44.60
CA LEU B 49 -3.28 9.30 -45.83
C LEU B 49 -3.46 10.28 -47.00
N GLN B 50 -4.30 11.15 -46.98
CA GLN B 50 -4.31 12.19 -48.01
C GLN B 50 -3.03 13.00 -47.98
N ARG B 51 -2.52 13.24 -46.77
CA ARG B 51 -1.30 14.05 -46.59
C ARG B 51 -0.16 13.45 -47.39
N PHE B 52 -0.08 12.12 -47.41
CA PHE B 52 0.99 11.43 -48.13
C PHE B 52 0.51 10.94 -49.48
N LEU B 53 -0.51 11.62 -50.00
CA LEU B 53 -0.90 11.47 -51.40
C LEU B 53 -1.24 10.03 -51.75
N ILE B 54 -1.65 9.27 -50.76
CA ILE B 54 -2.20 7.94 -50.97
C ILE B 54 -3.65 8.10 -51.43
N ASP B 55 -3.82 8.13 -52.73
CA ASP B 55 -5.12 8.35 -53.29
C ASP B 55 -5.87 7.12 -53.71
N ARG B 56 -5.15 6.03 -53.76
CA ARG B 56 -5.68 4.73 -54.05
C ARG B 56 -4.80 3.70 -53.44
N PHE B 57 -5.30 2.47 -53.43
CA PHE B 57 -4.49 1.38 -53.03
C PHE B 57 -3.49 1.00 -54.08
N ASP B 58 -2.24 1.14 -53.71
CA ASP B 58 -1.11 0.73 -54.47
C ASP B 58 -0.01 0.41 -53.51
N LYS B 59 0.41 -0.83 -53.48
CA LYS B 59 1.36 -1.25 -52.46
C LYS B 59 2.68 -0.50 -52.54
N GLU B 60 3.17 -0.27 -53.76
CA GLU B 60 4.41 0.47 -53.96
C GLU B 60 4.29 1.94 -53.59
N LEU B 61 3.14 2.54 -53.88
CA LEU B 61 2.90 3.93 -53.50
C LEU B 61 2.90 4.06 -51.97
N PHE B 62 2.23 3.11 -51.31
CA PHE B 62 2.20 3.06 -49.86
C PHE B 62 3.63 2.99 -49.31
N LYS B 63 4.42 2.04 -49.80
CA LYS B 63 5.78 1.89 -49.31
C LYS B 63 6.64 3.13 -49.58
N LYS B 64 6.41 3.80 -50.71
CA LYS B 64 7.24 4.96 -51.04
C LYS B 64 6.84 6.22 -50.27
N ASN B 65 5.54 6.39 -50.07
CA ASN B 65 5.01 7.67 -49.60
C ASN B 65 4.67 7.74 -48.10
N VAL B 66 4.20 6.63 -47.54
CA VAL B 66 3.79 6.63 -46.13
C VAL B 66 5.02 6.45 -45.25
N PRO B 67 5.25 7.39 -44.33
CA PRO B 67 6.47 7.34 -43.53
C PRO B 67 6.39 6.30 -42.42
N ILE B 68 7.53 5.69 -42.11
CA ILE B 68 7.65 4.83 -40.93
C ILE B 68 7.77 5.76 -39.74
N VAL B 69 6.90 5.57 -38.76
CA VAL B 69 6.75 6.55 -37.68
C VAL B 69 6.91 5.95 -36.30
N SER B 70 7.25 6.80 -35.34
CA SER B 70 7.21 6.46 -33.93
C SER B 70 5.94 7.06 -33.37
N TYR B 71 5.56 6.60 -32.18
CA TYR B 71 4.40 7.11 -31.48
C TYR B 71 4.46 8.63 -31.38
N GLU B 72 5.63 9.15 -31.01
CA GLU B 72 5.80 10.59 -30.90
C GLU B 72 5.48 11.32 -32.21
N ASP B 73 5.81 10.70 -33.35
CA ASP B 73 5.57 11.32 -34.65
C ASP B 73 4.09 11.56 -34.90
N ILE B 74 3.23 10.62 -34.49
CA ILE B 74 1.81 10.72 -34.80
C ILE B 74 0.94 11.13 -33.62
N LYS B 75 1.56 11.42 -32.48
CA LYS B 75 0.84 11.79 -31.28
C LYS B 75 -0.14 12.97 -31.48
N PRO B 76 0.24 13.97 -32.29
CA PRO B 76 -0.67 15.07 -32.58
C PRO B 76 -2.00 14.62 -33.17
N TYR B 77 -1.98 13.59 -34.02
CA TYR B 77 -3.22 13.03 -34.57
C TYR B 77 -4.00 12.26 -33.50
N LEU B 78 -3.30 11.45 -32.72
CA LEU B 78 -3.93 10.69 -31.65
C LEU B 78 -4.56 11.61 -30.61
N ASP B 79 -3.84 12.68 -30.24
CA ASP B 79 -4.37 13.69 -29.31
C ASP B 79 -5.72 14.22 -29.76
N ARG B 80 -5.85 14.49 -31.06
CA ARG B 80 -7.08 15.08 -31.59
C ARG B 80 -8.27 14.12 -31.40
N VAL B 81 -8.04 12.84 -31.66
CA VAL B 81 -9.07 11.83 -31.49
C VAL B 81 -9.39 11.63 -30.00
N VAL B 82 -8.34 11.55 -29.17
CA VAL B 82 -8.50 11.44 -27.73
C VAL B 82 -9.34 12.56 -27.15
N ASN B 83 -9.23 13.75 -27.74
CA ASN B 83 -9.98 14.91 -27.28
C ASN B 83 -11.36 15.06 -27.89
N GLY B 84 -11.71 14.20 -28.85
CA GLY B 84 -13.07 14.14 -29.33
C GLY B 84 -13.29 14.46 -30.80
N GLU B 85 -12.21 14.71 -31.54
CA GLU B 85 -12.35 14.97 -32.98
C GLU B 85 -12.72 13.66 -33.69
N SER B 86 -13.46 13.76 -34.79
CA SER B 86 -13.83 12.58 -35.55
C SER B 86 -12.62 11.71 -35.87
N SER B 87 -12.75 10.41 -35.65
CA SER B 87 -11.65 9.49 -35.88
CA SER B 87 -11.65 9.49 -35.89
C SER B 87 -11.27 9.37 -37.36
N ASP B 88 -12.11 9.89 -38.25
CA ASP B 88 -11.81 9.83 -39.68
C ASP B 88 -10.58 10.63 -40.11
N VAL B 89 -10.01 11.35 -39.15
CA VAL B 89 -8.68 11.93 -39.36
C VAL B 89 -7.67 10.83 -39.66
N ILE B 90 -7.86 9.65 -39.06
CA ILE B 90 -6.91 8.55 -39.28
C ILE B 90 -7.51 7.20 -39.67
N SER B 91 -8.81 7.02 -39.44
CA SER B 91 -9.45 5.71 -39.63
C SER B 91 -10.93 5.81 -40.05
N ALA B 92 -11.27 5.14 -41.14
CA ALA B 92 -12.66 5.08 -41.64
C ALA B 92 -13.48 4.11 -40.81
N ARG B 93 -12.78 3.36 -39.97
CA ARG B 93 -13.41 2.46 -38.99
CA ARG B 93 -13.42 2.48 -39.00
C ARG B 93 -13.45 3.20 -37.65
N THR B 94 -14.63 3.59 -37.20
CA THR B 94 -14.77 4.45 -36.04
C THR B 94 -13.94 3.99 -34.84
N ILE B 95 -13.18 4.90 -34.25
CA ILE B 95 -12.49 4.64 -32.98
CA ILE B 95 -12.49 4.62 -32.98
C ILE B 95 -13.45 4.78 -31.80
N THR B 96 -13.65 3.69 -31.05
CA THR B 96 -14.65 3.66 -29.99
C THR B 96 -14.04 3.50 -28.60
N GLY B 97 -12.72 3.57 -28.53
CA GLY B 97 -12.02 3.52 -27.26
C GLY B 97 -10.51 3.59 -27.49
N PHE B 98 -9.74 3.49 -26.42
CA PHE B 98 -8.30 3.50 -26.54
C PHE B 98 -7.67 2.40 -25.69
N LEU B 99 -6.46 1.99 -26.06
CA LEU B 99 -5.71 1.05 -25.23
C LEU B 99 -4.56 1.76 -24.53
N LEU B 100 -4.43 1.50 -23.23
CA LEU B 100 -3.31 2.01 -22.46
C LEU B 100 -2.14 1.05 -22.56
N SER B 101 -1.01 1.55 -23.03
CA SER B 101 0.19 0.72 -23.13
C SER B 101 0.99 0.83 -21.84
N SER B 102 1.77 -0.20 -21.54
CA SER B 102 2.65 -0.13 -20.39
C SER B 102 3.87 0.70 -20.77
N GLY B 103 4.00 0.97 -22.06
CA GLY B 103 5.01 1.89 -22.54
C GLY B 103 4.62 3.32 -22.25
N THR B 104 5.61 4.20 -22.11
CA THR B 104 5.33 5.58 -21.75
C THR B 104 5.96 6.59 -22.70
N SER B 105 5.36 7.76 -22.78
CA SER B 105 5.94 8.91 -23.47
C SER B 105 5.82 10.11 -22.55
N GLY B 106 6.95 10.51 -21.96
CA GLY B 106 6.94 11.57 -20.97
C GLY B 106 6.41 11.06 -19.65
N GLY B 107 6.71 9.80 -19.34
CA GLY B 107 6.22 9.18 -18.12
C GLY B 107 4.72 9.00 -18.13
N ALA B 108 4.11 9.36 -19.26
CA ALA B 108 2.68 9.18 -19.45
C ALA B 108 2.45 7.95 -20.32
N GLN B 109 1.54 7.09 -19.89
CA GLN B 109 1.24 5.89 -20.67
C GLN B 109 0.81 6.27 -22.07
N LYS B 110 1.27 5.52 -23.06
CA LYS B 110 0.82 5.74 -24.42
C LYS B 110 -0.63 5.26 -24.55
N MET B 111 -1.41 6.01 -25.32
CA MET B 111 -2.77 5.61 -25.66
C MET B 111 -2.87 5.30 -27.14
N MET B 112 -3.24 4.07 -27.45
CA MET B 112 -3.38 3.65 -28.84
C MET B 112 -4.86 3.64 -29.24
N PRO B 113 -5.15 3.98 -30.50
CA PRO B 113 -6.55 3.92 -30.95
C PRO B 113 -7.05 2.48 -31.00
N TRP B 114 -8.36 2.31 -30.81
CA TRP B 114 -8.94 0.97 -30.67
C TRP B 114 -10.36 0.95 -31.21
N ASN B 115 -10.77 -0.21 -31.73
CA ASN B 115 -12.16 -0.44 -32.11
C ASN B 115 -12.37 -1.93 -32.07
N ASN B 116 -13.55 -2.41 -32.44
CA ASN B 116 -13.84 -3.83 -32.27
C ASN B 116 -13.04 -4.79 -33.16
N LYS B 117 -12.36 -4.27 -34.17
CA LYS B 117 -11.43 -5.10 -34.94
C LYS B 117 -10.31 -5.67 -34.06
N TYR B 118 -9.94 -4.91 -33.03
CA TYR B 118 -8.93 -5.43 -32.09
C TYR B 118 -9.46 -6.69 -31.42
N LEU B 119 -10.73 -6.66 -31.02
CA LEU B 119 -11.36 -7.80 -30.38
C LEU B 119 -11.72 -8.92 -31.37
N ASP B 120 -12.09 -8.57 -32.60
CA ASP B 120 -12.25 -9.57 -33.64
C ASP B 120 -10.93 -10.37 -33.78
N ASN B 121 -9.81 -9.66 -33.80
CA ASN B 121 -8.52 -10.34 -33.98
C ASN B 121 -8.11 -11.12 -32.73
N LEU B 122 -8.33 -10.51 -31.58
CA LEU B 122 -7.97 -11.15 -30.32
C LEU B 122 -8.74 -12.45 -30.14
N THR B 123 -10.04 -12.43 -30.42
CA THR B 123 -10.83 -13.65 -30.25
C THR B 123 -10.51 -14.71 -31.33
N PHE B 124 -10.14 -14.27 -32.53
CA PHE B 124 -9.63 -15.21 -33.53
C PHE B 124 -8.43 -16.00 -32.96
N ILE B 125 -7.56 -15.28 -32.27
CA ILE B 125 -6.32 -15.82 -31.72
C ILE B 125 -6.64 -16.74 -30.53
N TYR B 126 -7.61 -16.33 -29.71
CA TYR B 126 -8.07 -17.19 -28.62
C TYR B 126 -8.57 -18.53 -29.16
N ASP B 127 -9.37 -18.48 -30.23
CA ASP B 127 -9.90 -19.70 -30.83
C ASP B 127 -8.80 -20.55 -31.43
N LEU B 128 -7.84 -19.90 -32.06
CA LEU B 128 -6.76 -20.61 -32.73
C LEU B 128 -5.86 -21.33 -31.72
N ARG B 129 -5.48 -20.59 -30.67
CA ARG B 129 -4.57 -21.15 -29.66
C ARG B 129 -5.25 -22.25 -28.85
N MET B 130 -6.55 -22.11 -28.63
CA MET B 130 -7.37 -23.18 -28.06
C MET B 130 -7.19 -24.47 -28.84
N GLN B 131 -7.32 -24.38 -30.15
CA GLN B 131 -7.15 -25.57 -31.00
C GLN B 131 -5.72 -26.12 -30.96
N VAL B 132 -4.74 -25.24 -30.91
CA VAL B 132 -3.35 -25.67 -30.80
C VAL B 132 -3.14 -26.43 -29.49
N ILE B 133 -3.67 -25.90 -28.40
CA ILE B 133 -3.53 -26.57 -27.11
C ILE B 133 -4.20 -27.95 -27.07
N THR B 134 -5.45 -28.05 -27.52
CA THR B 134 -6.12 -29.35 -27.42
CA THR B 134 -6.15 -29.35 -27.46
C THR B 134 -5.55 -30.38 -28.38
N LYS B 135 -4.91 -29.92 -29.46
CA LYS B 135 -4.24 -30.86 -30.37
C LYS B 135 -3.15 -31.61 -29.59
N HIS B 136 -2.42 -30.87 -28.78
CA HIS B 136 -1.21 -31.42 -28.14
C HIS B 136 -1.36 -31.85 -26.69
N VAL B 137 -2.40 -31.38 -26.01
CA VAL B 137 -2.59 -31.65 -24.59
C VAL B 137 -3.90 -32.40 -24.38
N LYS B 138 -3.81 -33.61 -23.83
CA LYS B 138 -5.01 -34.42 -23.59
C LYS B 138 -5.62 -34.07 -22.23
N GLY B 139 -6.92 -34.32 -22.09
CA GLY B 139 -7.56 -34.28 -20.79
C GLY B 139 -7.93 -32.89 -20.32
N VAL B 140 -8.25 -32.00 -21.26
CA VAL B 140 -8.64 -30.65 -20.89
C VAL B 140 -10.07 -30.29 -21.27
N GLU B 141 -10.68 -31.03 -22.19
CA GLU B 141 -11.96 -30.59 -22.74
C GLU B 141 -13.17 -30.79 -21.83
N GLU B 142 -13.03 -31.56 -20.75
CA GLU B 142 -14.16 -31.83 -19.89
C GLU B 142 -14.12 -31.00 -18.60
N GLY B 143 -13.10 -30.16 -18.45
CA GLY B 143 -12.88 -29.45 -17.21
C GLY B 143 -12.92 -27.94 -17.38
N LYS B 144 -12.44 -27.21 -16.37
CA LYS B 144 -12.45 -25.76 -16.34
C LYS B 144 -11.08 -25.20 -16.04
N GLY B 145 -10.86 -23.93 -16.35
CA GLY B 145 -9.61 -23.31 -15.99
C GLY B 145 -9.71 -22.46 -14.73
N MET B 146 -8.72 -22.55 -13.84
CA MET B 146 -8.64 -21.62 -12.74
C MET B 146 -7.74 -20.49 -13.23
N MET B 147 -8.34 -19.50 -13.86
CA MET B 147 -7.58 -18.49 -14.56
C MET B 147 -7.65 -17.19 -13.78
N PHE B 148 -6.48 -16.73 -13.37
CA PHE B 148 -6.37 -15.51 -12.58
C PHE B 148 -6.38 -14.32 -13.53
N LEU B 149 -7.59 -13.96 -13.94
CA LEU B 149 -7.82 -12.91 -14.94
C LEU B 149 -8.39 -11.69 -14.22
N PHE B 150 -7.87 -10.51 -14.53
CA PHE B 150 -8.24 -9.31 -13.79
C PHE B 150 -8.70 -8.21 -14.73
N THR B 151 -9.68 -7.45 -14.26
CA THR B 151 -10.14 -6.25 -14.96
C THR B 151 -9.60 -5.04 -14.22
N LYS B 152 -9.04 -4.10 -14.96
CA LYS B 152 -8.57 -2.84 -14.39
C LYS B 152 -9.53 -1.73 -14.80
N GLN B 153 -9.93 -0.90 -13.84
CA GLN B 153 -10.81 0.24 -14.11
C GLN B 153 -10.30 1.14 -15.24
N GLU B 154 -11.25 1.53 -16.16
CA GLU B 154 -10.78 2.34 -17.27
C GLU B 154 -10.40 3.75 -16.86
N SER B 155 -9.76 4.50 -17.70
CA SER B 155 -9.51 5.92 -17.56
C SER B 155 -10.31 6.67 -18.62
N MET B 156 -10.95 7.76 -18.22
CA MET B 156 -11.81 8.53 -19.11
C MET B 156 -11.01 9.57 -19.89
N THR B 157 -11.35 9.75 -21.16
CA THR B 157 -10.68 10.76 -21.99
C THR B 157 -11.66 11.90 -22.26
N PRO B 158 -11.15 13.06 -22.69
CA PRO B 158 -12.03 14.21 -22.96
C PRO B 158 -13.07 13.91 -24.04
N SER B 159 -12.74 13.00 -24.97
CA SER B 159 -13.68 12.57 -26.00
C SER B 159 -14.90 11.89 -25.38
N GLY B 160 -14.77 11.46 -24.13
CA GLY B 160 -15.81 10.65 -23.49
C GLY B 160 -15.66 9.15 -23.72
N LEU B 161 -14.64 8.75 -24.49
CA LEU B 161 -14.33 7.34 -24.73
C LEU B 161 -13.35 6.81 -23.68
N PRO B 162 -13.50 5.53 -23.28
CA PRO B 162 -12.62 4.98 -22.26
C PRO B 162 -11.27 4.51 -22.81
N ALA B 163 -10.26 4.54 -21.95
CA ALA B 163 -8.97 3.96 -22.24
C ALA B 163 -8.78 2.82 -21.24
N ARG B 164 -8.45 1.65 -21.75
CA ARG B 164 -8.33 0.43 -20.95
C ARG B 164 -7.07 -0.34 -21.38
N VAL B 165 -6.58 -1.25 -20.54
CA VAL B 165 -5.52 -2.14 -21.00
C VAL B 165 -6.16 -3.18 -21.92
N ALA B 166 -5.34 -3.79 -22.77
CA ALA B 166 -5.89 -4.68 -23.81
C ALA B 166 -6.88 -5.72 -23.27
N THR B 167 -6.49 -6.47 -22.25
CA THR B 167 -7.37 -7.54 -21.80
C THR B 167 -8.64 -7.03 -21.13
N SER B 168 -8.55 -5.87 -20.48
CA SER B 168 -9.75 -5.25 -19.92
C SER B 168 -10.70 -4.75 -21.02
N SER B 169 -10.16 -4.34 -22.17
CA SER B 169 -11.04 -3.98 -23.27
C SER B 169 -11.87 -5.19 -23.72
N TYR B 170 -11.30 -6.38 -23.57
CA TYR B 170 -11.99 -7.63 -23.86
C TYR B 170 -13.00 -8.00 -22.76
N PHE B 171 -12.55 -8.03 -21.50
CA PHE B 171 -13.44 -8.44 -20.41
C PHE B 171 -14.69 -7.56 -20.30
N LYS B 172 -14.53 -6.27 -20.51
CA LYS B 172 -15.65 -5.33 -20.38
C LYS B 172 -16.51 -5.24 -21.63
N SER B 173 -16.36 -6.21 -22.54
CA SER B 173 -17.13 -6.21 -23.78
C SER B 173 -17.98 -7.48 -23.90
N ASP B 174 -18.91 -7.49 -24.85
CA ASP B 174 -19.70 -8.68 -25.10
C ASP B 174 -18.89 -9.80 -25.77
N TYR B 175 -17.70 -9.49 -26.25
CA TYR B 175 -16.82 -10.54 -26.77
C TYR B 175 -16.50 -11.50 -25.64
N PHE B 176 -16.42 -10.97 -24.42
CA PHE B 176 -16.22 -11.81 -23.24
C PHE B 176 -17.56 -12.29 -22.64
N LYS B 177 -18.49 -11.37 -22.40
CA LYS B 177 -19.77 -11.76 -21.79
C LYS B 177 -20.52 -12.80 -22.61
N ASN B 178 -20.50 -12.64 -23.92
CA ASN B 178 -21.19 -13.53 -24.82
C ASN B 178 -20.23 -14.47 -25.55
N ARG B 179 -19.17 -14.88 -24.86
CA ARG B 179 -18.17 -15.77 -25.44
C ARG B 179 -18.71 -17.17 -25.70
N PRO B 180 -17.98 -17.95 -26.50
CA PRO B 180 -18.42 -19.30 -26.85
C PRO B 180 -18.57 -20.15 -25.60
N SER B 181 -19.45 -21.13 -25.69
CA SER B 181 -19.72 -22.04 -24.58
C SER B 181 -18.98 -23.35 -24.81
N ASN B 182 -17.71 -23.37 -24.40
CA ASN B 182 -16.89 -24.57 -24.46
C ASN B 182 -15.80 -24.53 -23.39
N TRP B 183 -15.05 -25.63 -23.26
CA TRP B 183 -14.10 -25.81 -22.17
C TRP B 183 -13.08 -24.66 -22.04
N TYR B 184 -12.67 -24.09 -23.17
CA TYR B 184 -11.61 -23.10 -23.15
C TYR B 184 -12.07 -21.78 -22.54
N TYR B 185 -13.38 -21.55 -22.57
CA TYR B 185 -13.97 -20.32 -22.08
C TYR B 185 -14.76 -20.53 -20.78
N SER B 186 -14.49 -21.65 -20.13
CA SER B 186 -15.17 -22.01 -18.90
CA SER B 186 -15.17 -22.03 -18.90
C SER B 186 -14.18 -21.97 -17.75
N TYR B 187 -14.51 -21.15 -16.75
CA TYR B 187 -13.61 -20.89 -15.61
C TYR B 187 -14.25 -21.28 -14.31
N THR B 188 -13.42 -21.54 -13.31
CA THR B 188 -13.96 -21.82 -11.97
C THR B 188 -14.53 -20.55 -11.32
N SER B 189 -14.04 -19.39 -11.76
CA SER B 189 -14.54 -18.11 -11.25
C SER B 189 -15.75 -17.60 -12.02
N PRO B 190 -16.79 -17.15 -11.30
CA PRO B 190 -17.91 -16.48 -11.94
C PRO B 190 -17.41 -15.25 -12.70
N ASP B 191 -18.14 -14.85 -13.72
CA ASP B 191 -17.74 -13.66 -14.48
C ASP B 191 -17.64 -12.43 -13.59
N GLU B 192 -18.52 -12.35 -12.60
CA GLU B 192 -18.49 -11.22 -11.66
C GLU B 192 -17.13 -11.10 -10.98
N VAL B 193 -16.47 -12.22 -10.75
CA VAL B 193 -15.16 -12.16 -10.11
C VAL B 193 -14.10 -11.62 -11.07
N ILE B 194 -14.13 -12.08 -12.32
CA ILE B 194 -13.21 -11.60 -13.35
C ILE B 194 -13.40 -10.12 -13.61
N LEU B 195 -14.64 -9.67 -13.55
CA LEU B 195 -14.97 -8.27 -13.85
C LEU B 195 -14.74 -7.29 -12.67
N CYS B 196 -14.41 -7.82 -11.51
CA CYS B 196 -14.23 -7.00 -10.32
C CYS B 196 -12.98 -6.12 -10.39
N PRO B 197 -13.15 -4.80 -10.30
CA PRO B 197 -12.01 -3.88 -10.45
C PRO B 197 -11.10 -3.82 -9.20
N ASN B 198 -11.56 -4.36 -8.09
CA ASN B 198 -10.66 -4.51 -6.95
C ASN B 198 -9.97 -5.87 -7.07
N ASN B 199 -8.71 -5.86 -7.47
CA ASN B 199 -8.03 -7.10 -7.81
C ASN B 199 -7.58 -7.87 -6.55
N THR B 200 -7.55 -7.20 -5.40
CA THR B 200 -7.25 -7.88 -4.15
C THR B 200 -8.43 -8.80 -3.80
N GLU B 201 -9.64 -8.24 -3.83
CA GLU B 201 -10.84 -9.03 -3.68
C GLU B 201 -10.95 -10.11 -4.75
N SER B 202 -10.72 -9.78 -6.01
CA SER B 202 -10.93 -10.79 -7.04
C SER B 202 -9.91 -11.93 -6.99
N LEU B 203 -8.66 -11.63 -6.62
CA LEU B 203 -7.68 -12.70 -6.52
C LEU B 203 -8.08 -13.67 -5.39
N TYR B 204 -8.50 -13.12 -4.26
CA TYR B 204 -8.98 -13.94 -3.14
C TYR B 204 -10.12 -14.85 -3.62
N CYS B 205 -11.09 -14.26 -4.29
CA CYS B 205 -12.23 -15.01 -4.81
C CYS B 205 -11.85 -16.05 -5.87
N HIS B 206 -10.89 -15.73 -6.74
CA HIS B 206 -10.34 -16.69 -7.70
C HIS B 206 -9.85 -17.95 -6.98
N LEU B 207 -9.06 -17.76 -5.94
CA LEU B 207 -8.51 -18.88 -5.21
C LEU B 207 -9.60 -19.67 -4.52
N LEU B 208 -10.56 -18.96 -3.91
CA LEU B 208 -11.64 -19.63 -3.20
C LEU B 208 -12.49 -20.48 -4.15
N CYS B 209 -12.89 -19.93 -5.28
CA CYS B 209 -13.71 -20.70 -6.23
C CYS B 209 -12.93 -21.87 -6.83
N GLY B 210 -11.63 -21.68 -7.07
CA GLY B 210 -10.80 -22.75 -7.58
C GLY B 210 -10.66 -23.92 -6.59
N LEU B 211 -10.53 -23.59 -5.31
CA LEU B 211 -10.43 -24.59 -4.26
C LEU B 211 -11.73 -25.38 -4.11
N VAL B 212 -12.85 -24.69 -4.11
CA VAL B 212 -14.15 -25.35 -3.98
C VAL B 212 -14.38 -26.35 -5.12
N GLN B 213 -13.96 -25.98 -6.33
CA GLN B 213 -14.17 -26.82 -7.50
C GLN B 213 -12.88 -27.49 -7.96
N ARG B 214 -12.02 -27.82 -7.01
CA ARG B 214 -10.65 -28.26 -7.31
C ARG B 214 -10.51 -29.47 -8.25
N ASP B 215 -11.44 -30.42 -8.18
CA ASP B 215 -11.33 -31.59 -9.07
C ASP B 215 -11.61 -31.26 -10.53
N GLU B 216 -12.36 -30.19 -10.78
CA GLU B 216 -12.67 -29.77 -12.14
C GLU B 216 -11.56 -28.97 -12.83
N VAL B 217 -10.55 -28.56 -12.08
CA VAL B 217 -9.51 -27.71 -12.63
C VAL B 217 -8.54 -28.52 -13.52
N VAL B 218 -8.46 -28.19 -14.81
CA VAL B 218 -7.58 -28.93 -15.73
C VAL B 218 -6.48 -28.06 -16.29
N ARG B 219 -6.54 -26.77 -15.98
CA ARG B 219 -5.46 -25.85 -16.34
C ARG B 219 -5.57 -24.65 -15.42
N THR B 220 -4.46 -23.95 -15.22
CA THR B 220 -4.48 -22.73 -14.44
C THR B 220 -3.47 -21.79 -15.07
N GLY B 221 -3.59 -20.50 -14.77
CA GLY B 221 -2.63 -19.55 -15.30
C GLY B 221 -3.14 -18.14 -15.25
N SER B 222 -2.56 -17.30 -16.11
CA SER B 222 -2.80 -15.86 -16.10
C SER B 222 -2.13 -15.34 -17.34
N ILE B 223 -2.29 -14.05 -17.64
CA ILE B 223 -1.69 -13.53 -18.86
C ILE B 223 -0.16 -13.62 -18.83
N PHE B 224 0.43 -13.15 -17.73
CA PHE B 224 1.87 -13.17 -17.54
C PHE B 224 2.27 -13.93 -16.28
N ALA B 225 3.47 -14.51 -16.29
CA ALA B 225 3.90 -15.42 -15.22
C ALA B 225 3.97 -14.75 -13.85
N SER B 226 4.25 -13.45 -13.85
CA SER B 226 4.37 -12.72 -12.60
C SER B 226 3.07 -12.84 -11.79
N VAL B 227 1.95 -12.88 -12.50
CA VAL B 227 0.64 -12.91 -11.85
C VAL B 227 0.30 -14.30 -11.32
N MET B 228 0.72 -15.33 -12.05
CA MET B 228 0.58 -16.69 -11.56
C MET B 228 1.40 -16.88 -10.27
N VAL B 229 2.63 -16.37 -10.24
CA VAL B 229 3.44 -16.45 -9.03
C VAL B 229 2.78 -15.72 -7.86
N ARG B 230 2.25 -14.52 -8.12
CA ARG B 230 1.57 -13.77 -7.09
C ARG B 230 0.35 -14.53 -6.54
N ALA B 231 -0.40 -15.19 -7.43
CA ALA B 231 -1.53 -15.99 -6.98
C ALA B 231 -1.12 -17.06 -5.98
N ILE B 232 -0.02 -17.73 -6.28
CA ILE B 232 0.47 -18.77 -5.38
C ILE B 232 0.96 -18.15 -4.08
N GLU B 233 1.64 -17.00 -4.18
CA GLU B 233 2.13 -16.34 -2.97
C GLU B 233 0.95 -15.91 -2.10
N VAL B 234 -0.10 -15.38 -2.71
CA VAL B 234 -1.31 -15.03 -1.98
C VAL B 234 -1.98 -16.27 -1.35
N LEU B 235 -2.07 -17.36 -2.10
CA LEU B 235 -2.55 -18.62 -1.54
C LEU B 235 -1.75 -19.01 -0.29
N LYS B 236 -0.44 -18.88 -0.36
CA LYS B 236 0.41 -19.23 0.76
C LYS B 236 0.08 -18.38 1.99
N ASN B 237 -0.31 -17.14 1.75
CA ASN B 237 -0.58 -16.19 2.83
C ASN B 237 -2.06 -16.13 3.22
N SER B 238 -2.91 -16.93 2.59
CA SER B 238 -4.36 -16.80 2.75
C SER B 238 -5.12 -18.12 2.93
N TRP B 239 -4.41 -19.25 2.85
CA TRP B 239 -5.08 -20.55 2.83
C TRP B 239 -5.93 -20.86 4.07
N GLU B 240 -5.43 -20.48 5.24
CA GLU B 240 -6.22 -20.66 6.45
C GLU B 240 -7.59 -19.93 6.34
N GLU B 241 -7.56 -18.68 5.91
CA GLU B 241 -8.81 -17.94 5.77
C GLU B 241 -9.69 -18.53 4.66
N LEU B 242 -9.08 -18.85 3.53
CA LEU B 242 -9.83 -19.50 2.46
C LEU B 242 -10.54 -20.76 2.96
N CYS B 243 -9.81 -21.61 3.69
CA CYS B 243 -10.44 -22.84 4.23
C CYS B 243 -11.56 -22.55 5.24
N SER B 244 -11.46 -21.46 5.98
CA SER B 244 -12.53 -21.10 6.91
CA SER B 244 -12.52 -21.08 6.91
C SER B 244 -13.81 -20.75 6.16
N ASN B 245 -13.68 -20.14 4.98
CA ASN B 245 -14.84 -19.79 4.16
C ASN B 245 -15.48 -21.08 3.62
N ILE B 246 -14.63 -22.02 3.21
CA ILE B 246 -15.11 -23.30 2.72
C ILE B 246 -15.83 -24.07 3.83
N ARG B 247 -15.24 -24.09 5.02
CA ARG B 247 -15.85 -24.76 6.18
C ARG B 247 -17.24 -24.19 6.52
N SER B 248 -17.35 -22.87 6.50
CA SER B 248 -18.57 -22.21 6.97
C SER B 248 -19.61 -22.03 5.87
N GLY B 249 -19.15 -22.07 4.62
CA GLY B 249 -20.00 -21.76 3.48
C GLY B 249 -20.30 -20.28 3.28
N HIS B 250 -19.53 -19.41 3.95
CA HIS B 250 -19.69 -17.97 3.81
C HIS B 250 -18.40 -17.31 3.36
N LEU B 251 -18.54 -16.37 2.43
CA LEU B 251 -17.43 -15.52 2.01
C LEU B 251 -17.04 -14.58 3.16
N SER B 252 -15.74 -14.32 3.34
CA SER B 252 -15.33 -13.33 4.34
C SER B 252 -16.01 -11.98 4.10
N ASN B 253 -16.38 -11.32 5.19
CA ASN B 253 -17.07 -10.05 5.13
C ASN B 253 -16.30 -8.95 4.42
N TRP B 254 -14.96 -9.02 4.47
CA TRP B 254 -14.15 -7.90 3.97
C TRP B 254 -14.29 -7.69 2.47
N VAL B 255 -14.74 -8.73 1.74
CA VAL B 255 -14.95 -8.56 0.30
C VAL B 255 -16.20 -7.72 0.03
N THR B 256 -16.01 -6.54 -0.52
CA THR B 256 -17.08 -5.56 -0.63
C THR B 256 -17.85 -5.61 -1.95
N ASP B 257 -17.22 -6.15 -2.99
CA ASP B 257 -17.87 -6.15 -4.30
C ASP B 257 -19.16 -6.98 -4.26
N LEU B 258 -20.29 -6.35 -4.59
CA LEU B 258 -21.57 -7.05 -4.57
C LEU B 258 -21.58 -8.27 -5.51
N GLY B 259 -21.07 -8.10 -6.73
CA GLY B 259 -21.00 -9.20 -7.67
C GLY B 259 -20.25 -10.41 -7.13
N CYS B 260 -19.10 -10.19 -6.50
CA CYS B 260 -18.38 -11.27 -5.85
C CYS B 260 -19.23 -11.88 -4.74
N GLN B 261 -19.78 -11.04 -3.87
CA GLN B 261 -20.56 -11.56 -2.75
C GLN B 261 -21.65 -12.51 -3.24
N ASN B 262 -22.41 -12.07 -4.24
CA ASN B 262 -23.56 -12.84 -4.72
C ASN B 262 -23.13 -14.12 -5.43
N SER B 263 -22.19 -14.00 -6.36
CA SER B 263 -21.77 -15.13 -7.19
C SER B 263 -20.96 -16.18 -6.41
N VAL B 264 -20.07 -15.73 -5.53
CA VAL B 264 -19.25 -16.65 -4.77
C VAL B 264 -20.07 -17.38 -3.70
N SER B 265 -21.06 -16.72 -3.13
CA SER B 265 -21.96 -17.38 -2.20
C SER B 265 -22.63 -18.60 -2.84
N LEU B 266 -22.98 -18.48 -4.12
CA LEU B 266 -23.58 -19.58 -4.86
C LEU B 266 -22.57 -20.71 -5.11
N VAL B 267 -21.33 -20.36 -5.41
CA VAL B 267 -20.29 -21.38 -5.60
C VAL B 267 -20.08 -22.19 -4.31
N LEU B 268 -20.01 -21.48 -3.19
CA LEU B 268 -19.85 -22.11 -1.88
C LEU B 268 -21.05 -23.02 -1.55
N GLY B 269 -22.26 -22.48 -1.66
CA GLY B 269 -23.48 -23.27 -1.49
C GLY B 269 -23.93 -23.55 -0.07
N GLY B 270 -23.01 -24.03 0.77
CA GLY B 270 -23.30 -24.40 2.15
C GLY B 270 -21.99 -24.86 2.79
N PRO B 271 -22.02 -25.19 4.10
CA PRO B 271 -20.76 -25.54 4.76
C PRO B 271 -20.13 -26.78 4.16
N ARG B 272 -18.81 -26.76 3.99
CA ARG B 272 -18.06 -27.90 3.47
C ARG B 272 -16.87 -28.22 4.39
N PRO B 273 -17.15 -28.64 5.63
CA PRO B 273 -16.04 -28.87 6.56
C PRO B 273 -15.12 -30.02 6.14
N GLU B 274 -15.67 -30.99 5.43
CA GLU B 274 -14.86 -32.13 4.99
C GLU B 274 -13.83 -31.69 3.93
N LEU B 275 -14.29 -30.89 2.97
CA LEU B 275 -13.38 -30.34 1.96
C LEU B 275 -12.34 -29.43 2.63
N ALA B 276 -12.77 -28.59 3.57
CA ALA B 276 -11.82 -27.75 4.32
C ALA B 276 -10.72 -28.59 4.96
N ASP B 277 -11.11 -29.67 5.63
CA ASP B 277 -10.15 -30.58 6.27
C ASP B 277 -9.14 -31.13 5.24
N THR B 278 -9.65 -31.55 4.09
CA THR B 278 -8.84 -32.06 2.98
C THR B 278 -7.79 -31.05 2.51
N ILE B 279 -8.23 -29.80 2.29
CA ILE B 279 -7.34 -28.75 1.83
C ILE B 279 -6.34 -28.32 2.91
N GLU B 280 -6.82 -28.19 4.15
CA GLU B 280 -5.94 -27.87 5.26
C GLU B 280 -4.80 -28.89 5.44
N GLU B 281 -5.11 -30.18 5.26
CA GLU B 281 -4.10 -31.23 5.38
C GLU B 281 -3.03 -31.10 4.29
N ILE B 282 -3.44 -30.74 3.09
CA ILE B 282 -2.50 -30.50 2.00
C ILE B 282 -1.62 -29.29 2.27
N CYS B 283 -2.22 -28.18 2.69
CA CYS B 283 -1.48 -26.94 2.87
C CYS B 283 -0.53 -26.99 4.06
N ASN B 284 -0.90 -27.75 5.04
CA ASN B 284 -0.19 -27.84 6.27
C ASN B 284 1.17 -28.46 6.18
N GLN B 285 1.45 -29.17 5.08
CA GLN B 285 2.72 -29.85 4.93
C GLN B 285 3.87 -28.97 4.73
N ASN B 286 4.94 -29.36 5.40
CA ASN B 286 6.30 -28.85 5.25
C ASN B 286 6.50 -27.89 4.05
N SER B 287 6.72 -28.48 2.91
CA SER B 287 7.25 -27.79 1.80
C SER B 287 6.10 -27.40 0.87
N TRP B 288 6.17 -26.25 0.25
CA TRP B 288 5.17 -25.89 -0.77
C TRP B 288 5.55 -26.40 -2.16
N LYS B 289 6.63 -27.18 -2.24
CA LYS B 289 7.04 -27.78 -3.51
C LYS B 289 5.90 -28.63 -4.09
N GLY B 290 5.57 -28.39 -5.35
CA GLY B 290 4.48 -29.10 -6.01
C GLY B 290 3.08 -28.83 -5.48
N ILE B 291 2.92 -27.74 -4.74
CA ILE B 291 1.62 -27.43 -4.11
C ILE B 291 0.49 -27.33 -5.14
N VAL B 292 0.79 -26.77 -6.31
CA VAL B 292 -0.25 -26.58 -7.31
C VAL B 292 -0.82 -27.91 -7.79
N LYS B 293 0.06 -28.90 -7.95
CA LYS B 293 -0.37 -30.21 -8.40
C LYS B 293 -1.12 -31.00 -7.31
N ARG B 294 -0.78 -30.76 -6.06
CA ARG B 294 -1.46 -31.44 -4.96
C ARG B 294 -2.87 -30.89 -4.74
N LEU B 295 -3.02 -29.57 -4.84
CA LEU B 295 -4.31 -28.96 -4.65
C LEU B 295 -5.23 -29.18 -5.85
N TRP B 296 -4.63 -29.26 -7.04
CA TRP B 296 -5.39 -29.36 -8.29
C TRP B 296 -4.83 -30.48 -9.16
N PRO B 297 -5.07 -31.73 -8.75
CA PRO B 297 -4.38 -32.89 -9.30
C PRO B 297 -4.75 -33.21 -10.75
N ASN B 298 -5.79 -32.58 -11.27
CA ASN B 298 -6.16 -32.80 -12.68
C ASN B 298 -5.62 -31.76 -13.64
N THR B 299 -4.81 -30.85 -13.10
CA THR B 299 -4.19 -29.80 -13.89
C THR B 299 -3.26 -30.40 -14.94
N LYS B 300 -3.44 -30.02 -16.20
CA LYS B 300 -2.64 -30.60 -17.29
C LYS B 300 -1.48 -29.70 -17.70
N TYR B 301 -1.63 -28.39 -17.49
CA TYR B 301 -0.59 -27.44 -17.82
C TYR B 301 -0.87 -26.09 -17.16
N ILE B 302 0.16 -25.25 -17.10
CA ILE B 302 0.06 -23.89 -16.62
C ILE B 302 0.08 -22.96 -17.84
N GLU B 303 -0.94 -22.11 -17.98
CA GLU B 303 -1.06 -21.29 -19.18
C GLU B 303 -0.67 -19.84 -18.88
N THR B 304 0.56 -19.46 -19.24
CA THR B 304 1.07 -18.13 -18.88
C THR B 304 2.27 -17.77 -19.73
N VAL B 305 2.49 -16.47 -19.93
CA VAL B 305 3.65 -16.02 -20.71
C VAL B 305 4.90 -16.13 -19.84
N VAL B 306 5.90 -16.83 -20.36
CA VAL B 306 7.16 -17.00 -19.64
C VAL B 306 8.36 -16.55 -20.48
N THR B 307 8.09 -15.75 -21.51
CA THR B 307 9.16 -15.21 -22.33
C THR B 307 9.46 -13.75 -21.96
N GLY B 308 10.54 -13.21 -22.50
CA GLY B 308 10.93 -11.85 -22.16
C GLY B 308 11.23 -11.72 -20.69
N SER B 309 10.79 -10.63 -20.07
CA SER B 309 11.13 -10.39 -18.68
C SER B 309 10.47 -11.44 -17.76
N MET B 310 9.49 -12.16 -18.27
CA MET B 310 8.78 -13.15 -17.46
C MET B 310 9.56 -14.43 -17.24
N GLY B 311 10.64 -14.61 -18.00
CA GLY B 311 11.44 -15.81 -17.87
C GLY B 311 12.04 -15.92 -16.49
N GLN B 312 12.18 -14.80 -15.80
CA GLN B 312 12.74 -14.81 -14.45
C GLN B 312 11.90 -15.63 -13.47
N TYR B 313 10.64 -15.87 -13.81
CA TYR B 313 9.73 -16.57 -12.91
C TYR B 313 9.65 -18.07 -13.11
N VAL B 314 10.31 -18.56 -14.17
CA VAL B 314 10.23 -19.97 -14.50
C VAL B 314 10.68 -20.91 -13.37
N PRO B 315 11.81 -20.60 -12.73
CA PRO B 315 12.22 -21.55 -11.68
C PRO B 315 11.19 -21.66 -10.55
N MET B 316 10.64 -20.54 -10.11
CA MET B 316 9.60 -20.57 -9.07
C MET B 316 8.36 -21.33 -9.50
N LEU B 317 7.92 -21.13 -10.74
CA LEU B 317 6.74 -21.83 -11.22
C LEU B 317 6.99 -23.33 -11.24
N ASN B 318 8.17 -23.72 -11.71
CA ASN B 318 8.49 -25.13 -11.78
C ASN B 318 8.54 -25.75 -10.37
N TYR B 319 9.00 -24.97 -9.40
CA TYR B 319 9.01 -25.46 -8.02
C TYR B 319 7.59 -25.73 -7.50
N TYR B 320 6.70 -24.74 -7.67
CA TYR B 320 5.32 -24.87 -7.18
C TYR B 320 4.47 -25.83 -7.99
N CYS B 321 4.84 -26.08 -9.24
CA CYS B 321 3.94 -26.78 -10.17
C CYS B 321 4.45 -28.17 -10.59
N ASN B 322 5.47 -28.66 -9.89
CA ASN B 322 6.01 -29.99 -10.15
C ASN B 322 6.34 -30.23 -11.62
N ASP B 323 6.92 -29.23 -12.26
CA ASP B 323 7.28 -29.34 -13.67
C ASP B 323 6.10 -29.77 -14.58
N LEU B 324 4.88 -29.38 -14.21
CA LEU B 324 3.78 -29.35 -15.18
C LEU B 324 4.27 -28.46 -16.32
N PRO B 325 3.83 -28.73 -17.56
CA PRO B 325 4.28 -27.88 -18.66
C PRO B 325 3.83 -26.43 -18.47
N LEU B 326 4.74 -25.49 -18.74
CA LEU B 326 4.39 -24.08 -18.77
C LEU B 326 4.16 -23.69 -20.24
N VAL B 327 2.94 -23.30 -20.57
CA VAL B 327 2.55 -23.04 -21.96
C VAL B 327 2.38 -21.54 -22.25
N SER B 328 3.27 -21.01 -23.08
CA SER B 328 3.36 -19.58 -23.37
C SER B 328 2.78 -19.38 -24.76
N THR B 329 1.55 -18.89 -24.86
CA THR B 329 0.81 -19.02 -26.12
C THR B 329 0.89 -17.83 -27.06
N THR B 330 0.93 -16.63 -26.52
CA THR B 330 0.61 -15.44 -27.31
C THR B 330 1.58 -14.27 -27.09
N TYR B 331 1.89 -13.59 -28.20
CA TYR B 331 2.65 -12.35 -28.18
C TYR B 331 1.77 -11.26 -28.79
N GLY B 332 1.58 -10.17 -28.04
CA GLY B 332 0.63 -9.15 -28.44
C GLY B 332 0.99 -7.82 -27.82
N SER B 333 0.37 -6.76 -28.32
CA SER B 333 0.61 -5.41 -27.81
C SER B 333 -0.62 -4.55 -28.00
N SER B 334 -0.59 -3.33 -27.50
CA SER B 334 -1.70 -2.40 -27.68
CA SER B 334 -1.71 -2.41 -27.68
C SER B 334 -1.86 -2.00 -29.15
N GLU B 335 -0.81 -2.21 -29.95
CA GLU B 335 -0.87 -1.92 -31.39
C GLU B 335 -1.61 -3.02 -32.13
N THR B 336 -1.35 -4.27 -31.76
CA THR B 336 -1.99 -5.41 -32.38
C THR B 336 -1.57 -6.68 -31.66
N THR B 337 -2.38 -7.73 -31.76
CA THR B 337 -1.91 -9.05 -31.39
C THR B 337 -0.96 -9.49 -32.53
N PHE B 338 0.16 -10.12 -32.19
CA PHE B 338 1.13 -10.54 -33.20
C PHE B 338 0.92 -11.98 -33.68
N GLY B 339 0.95 -12.93 -32.76
CA GLY B 339 0.76 -14.32 -33.15
C GLY B 339 0.92 -15.26 -31.97
N ILE B 340 1.08 -16.54 -32.27
CA ILE B 340 1.06 -17.57 -31.24
C ILE B 340 2.15 -18.61 -31.38
N ASN B 341 2.35 -19.33 -30.28
CA ASN B 341 3.34 -20.39 -30.20
C ASN B 341 2.74 -21.68 -30.76
N LEU B 342 3.28 -22.16 -31.88
CA LEU B 342 2.75 -23.38 -32.48
C LEU B 342 3.41 -24.65 -31.93
N ASP B 343 4.33 -24.48 -30.97
CA ASP B 343 4.96 -25.61 -30.28
C ASP B 343 4.80 -25.42 -28.78
N PRO B 344 3.55 -25.51 -28.29
CA PRO B 344 3.21 -25.13 -26.91
C PRO B 344 3.93 -25.92 -25.81
N LEU B 345 4.29 -27.17 -26.09
CA LEU B 345 4.91 -28.00 -25.06
C LEU B 345 6.43 -27.89 -24.98
N CYS B 346 7.00 -26.87 -25.60
CA CYS B 346 8.46 -26.68 -25.56
C CYS B 346 8.88 -26.05 -24.23
N LYS B 347 10.18 -26.08 -23.96
CA LYS B 347 10.71 -25.37 -22.80
C LYS B 347 10.60 -23.87 -23.01
N PRO B 348 10.43 -23.11 -21.91
CA PRO B 348 10.30 -21.65 -22.01
C PRO B 348 11.40 -21.01 -22.85
N GLU B 349 12.64 -21.45 -22.68
CA GLU B 349 13.75 -20.84 -23.38
C GLU B 349 13.70 -21.08 -24.89
N ASP B 350 12.87 -22.03 -25.31
CA ASP B 350 12.80 -22.39 -26.73
C ASP B 350 11.54 -21.85 -27.40
N VAL B 351 10.81 -20.97 -26.72
CA VAL B 351 9.55 -20.45 -27.26
C VAL B 351 9.76 -19.46 -28.41
N SER B 352 9.06 -19.71 -29.52
CA SER B 352 9.00 -18.73 -30.61
C SER B 352 7.54 -18.48 -30.95
N TYR B 353 7.27 -17.30 -31.50
CA TYR B 353 5.90 -16.93 -31.85
C TYR B 353 5.78 -16.79 -33.35
N THR B 354 4.77 -17.44 -33.92
CA THR B 354 4.52 -17.38 -35.35
C THR B 354 3.52 -16.25 -35.56
N PHE B 355 3.93 -15.19 -36.24
CA PHE B 355 3.02 -14.08 -36.53
C PHE B 355 1.86 -14.59 -37.39
N MET B 356 0.66 -14.12 -37.09
CA MET B 356 -0.49 -14.50 -37.91
C MET B 356 -0.80 -13.39 -38.92
N PRO B 357 -0.81 -13.74 -40.20
CA PRO B 357 -0.82 -12.74 -41.27
C PRO B 357 -2.15 -12.01 -41.48
N ASN B 358 -3.18 -12.37 -40.70
CA ASN B 358 -4.45 -11.67 -40.78
C ASN B 358 -4.60 -10.63 -39.66
N MET B 359 -3.57 -10.46 -38.84
CA MET B 359 -3.68 -9.56 -37.67
C MET B 359 -3.55 -8.08 -38.03
N SER B 360 -2.50 -7.78 -38.77
CA SER B 360 -2.14 -6.43 -39.17
CA SER B 360 -2.24 -6.44 -39.26
C SER B 360 -1.17 -6.62 -40.33
N TYR B 361 -0.85 -5.54 -41.03
CA TYR B 361 0.21 -5.62 -42.04
C TYR B 361 1.53 -5.37 -41.37
N PHE B 362 2.44 -6.35 -41.44
CA PHE B 362 3.69 -6.31 -40.68
C PHE B 362 4.90 -5.99 -41.54
N GLU B 363 5.70 -5.03 -41.09
CA GLU B 363 7.01 -4.81 -41.68
C GLU B 363 8.07 -4.87 -40.60
N PHE B 364 9.33 -4.92 -41.03
CA PHE B 364 10.42 -5.14 -40.09
C PHE B 364 11.64 -4.32 -40.44
N ILE B 365 12.19 -3.65 -39.43
CA ILE B 365 13.44 -2.91 -39.57
C ILE B 365 14.62 -3.72 -39.05
N PRO B 366 15.61 -4.01 -39.92
CA PRO B 366 16.77 -4.80 -39.49
C PRO B 366 17.50 -4.13 -38.33
N MET B 367 17.86 -4.90 -37.32
CA MET B 367 18.54 -4.38 -36.15
C MET B 367 19.95 -4.92 -36.03
N ASP B 368 20.44 -5.55 -37.10
CA ASP B 368 21.81 -6.02 -37.16
C ASP B 368 22.30 -6.10 -38.61
N GLY B 369 23.59 -6.37 -38.78
CA GLY B 369 24.18 -6.33 -40.09
C GLY B 369 23.79 -7.46 -41.03
N GLY B 370 23.02 -8.41 -40.52
CA GLY B 370 22.65 -9.60 -41.28
C GLY B 370 21.64 -9.34 -42.39
N ASP B 371 20.91 -8.24 -42.28
CA ASP B 371 19.97 -7.82 -43.31
C ASP B 371 20.19 -6.33 -43.59
N LYS B 372 20.62 -6.01 -44.82
CA LYS B 372 21.04 -4.64 -45.13
C LYS B 372 19.96 -3.79 -45.79
N ASN B 373 18.74 -4.33 -45.86
CA ASN B 373 17.59 -3.57 -46.35
C ASN B 373 17.14 -2.51 -45.35
N ASP B 374 16.41 -1.50 -45.81
CA ASP B 374 15.91 -0.45 -44.93
C ASP B 374 14.67 -0.91 -44.17
N VAL B 375 13.78 -1.61 -44.86
CA VAL B 375 12.58 -2.19 -44.23
C VAL B 375 12.12 -3.37 -45.07
N VAL B 376 11.58 -4.41 -44.42
CA VAL B 376 11.22 -5.64 -45.15
C VAL B 376 9.86 -6.20 -44.73
N ASP B 377 9.21 -6.88 -45.68
CA ASP B 377 7.92 -7.53 -45.43
C ASP B 377 8.07 -8.80 -44.57
N LEU B 378 6.98 -9.21 -43.93
CA LEU B 378 6.98 -10.42 -43.11
C LEU B 378 7.58 -11.61 -43.85
N GLU B 379 7.20 -11.79 -45.11
CA GLU B 379 7.60 -12.97 -45.87
C GLU B 379 9.10 -12.99 -46.20
N ASP B 380 9.75 -11.83 -46.05
CA ASP B 380 11.15 -11.68 -46.47
C ASP B 380 12.16 -11.64 -45.32
N VAL B 381 11.69 -11.73 -44.07
CA VAL B 381 12.63 -11.71 -42.95
C VAL B 381 13.65 -12.84 -43.03
N LYS B 382 14.91 -12.52 -42.72
CA LYS B 382 16.00 -13.47 -42.87
C LYS B 382 16.25 -14.31 -41.62
N LEU B 383 16.51 -15.60 -41.87
CA LEU B 383 16.83 -16.54 -40.81
C LEU B 383 18.02 -16.03 -40.00
N GLY B 384 17.87 -16.01 -38.67
CA GLY B 384 18.97 -15.62 -37.79
C GLY B 384 19.18 -14.13 -37.59
N CYS B 385 18.27 -13.31 -38.12
CA CYS B 385 18.42 -11.85 -38.06
C CYS B 385 17.45 -11.23 -37.06
N THR B 386 17.83 -10.11 -36.47
CA THR B 386 16.93 -9.40 -35.55
C THR B 386 16.28 -8.20 -36.25
N TYR B 387 15.08 -7.84 -35.79
CA TYR B 387 14.29 -6.78 -36.38
C TYR B 387 13.46 -6.08 -35.32
N GLU B 388 13.03 -4.85 -35.61
CA GLU B 388 11.94 -4.22 -34.87
C GLU B 388 10.68 -4.29 -35.71
N PRO B 389 9.58 -4.83 -35.16
CA PRO B 389 8.34 -4.87 -35.95
C PRO B 389 7.77 -3.48 -36.22
N VAL B 390 7.04 -3.38 -37.33
CA VAL B 390 6.39 -2.16 -37.74
C VAL B 390 4.96 -2.53 -38.13
N VAL B 391 3.98 -1.80 -37.59
CA VAL B 391 2.58 -2.22 -37.65
C VAL B 391 1.67 -1.26 -38.40
N THR B 392 0.87 -1.79 -39.30
CA THR B 392 -0.24 -1.05 -39.90
C THR B 392 -1.51 -1.79 -39.52
N ASN B 393 -2.40 -1.15 -38.77
CA ASN B 393 -3.53 -1.86 -38.16
C ASN B 393 -4.88 -1.33 -38.62
N PHE B 394 -5.96 -1.78 -37.98
CA PHE B 394 -7.33 -1.48 -38.40
C PHE B 394 -7.92 -0.31 -37.61
N ALA B 395 -7.07 0.45 -36.91
CA ALA B 395 -7.54 1.56 -36.09
C ALA B 395 -6.73 2.85 -36.29
N GLY B 396 -6.12 2.99 -37.46
CA GLY B 396 -5.50 4.27 -37.80
C GLY B 396 -4.00 4.41 -37.54
N LEU B 397 -3.32 3.31 -37.27
CA LEU B 397 -1.86 3.35 -37.19
C LEU B 397 -1.29 2.85 -38.49
N TYR B 398 -0.41 3.63 -39.10
CA TYR B 398 0.18 3.26 -40.39
C TYR B 398 1.70 3.24 -40.24
N ARG B 399 2.27 2.06 -40.43
CA ARG B 399 3.72 1.86 -40.35
C ARG B 399 4.32 2.39 -39.06
N MET B 400 3.73 2.03 -37.93
CA MET B 400 4.31 2.44 -36.64
C MET B 400 5.25 1.42 -36.04
N ARG B 401 6.41 1.90 -35.62
CA ARG B 401 7.39 1.08 -34.93
C ARG B 401 6.89 0.65 -33.56
N VAL B 402 7.12 -0.61 -33.22
CA VAL B 402 6.59 -1.17 -31.97
C VAL B 402 7.55 -1.01 -30.79
N GLY B 403 8.84 -0.97 -31.09
CA GLY B 403 9.86 -0.84 -30.05
C GLY B 403 10.28 -2.16 -29.41
N ASP B 404 9.83 -3.28 -29.97
CA ASP B 404 10.29 -4.61 -29.53
C ASP B 404 11.41 -5.05 -30.47
N ILE B 405 12.24 -5.97 -30.00
CA ILE B 405 13.28 -6.54 -30.85
C ILE B 405 12.97 -8.04 -30.93
N VAL B 406 12.90 -8.58 -32.14
CA VAL B 406 12.58 -10.00 -32.34
C VAL B 406 13.67 -10.69 -33.17
N LEU B 407 13.82 -12.00 -32.98
CA LEU B 407 14.82 -12.80 -33.69
C LEU B 407 14.17 -13.90 -34.54
N VAL B 408 14.48 -13.96 -35.82
CA VAL B 408 13.88 -14.98 -36.68
C VAL B 408 14.55 -16.31 -36.36
N THR B 409 13.78 -17.24 -35.79
CA THR B 409 14.35 -18.52 -35.41
C THR B 409 14.04 -19.65 -36.41
N GLY B 410 13.07 -19.45 -37.29
CA GLY B 410 12.65 -20.53 -38.17
C GLY B 410 11.41 -20.14 -38.94
N PHE B 411 10.81 -21.10 -39.64
CA PHE B 411 9.57 -20.85 -40.39
C PHE B 411 8.68 -22.07 -40.26
N TYR B 412 7.38 -21.83 -40.09
CA TYR B 412 6.40 -22.92 -40.04
C TYR B 412 5.64 -22.79 -41.34
N ASN B 413 5.76 -23.79 -42.21
CA ASN B 413 5.41 -23.60 -43.62
C ASN B 413 6.05 -22.30 -44.10
N ASN B 414 5.26 -21.33 -44.56
CA ASN B 414 5.81 -20.04 -45.00
C ASN B 414 5.72 -18.89 -43.97
N ALA B 415 5.38 -19.23 -42.72
CA ALA B 415 5.19 -18.21 -41.68
C ALA B 415 6.42 -18.11 -40.76
N PRO B 416 7.11 -16.96 -40.78
CA PRO B 416 8.28 -16.79 -39.91
C PRO B 416 7.92 -16.93 -38.42
N GLN B 417 8.86 -17.51 -37.66
CA GLN B 417 8.73 -17.66 -36.23
C GLN B 417 9.78 -16.81 -35.53
N PHE B 418 9.37 -16.14 -34.45
CA PHE B 418 10.21 -15.12 -33.82
C PHE B 418 10.41 -15.39 -32.33
N LYS B 419 11.65 -15.28 -31.87
CA LYS B 419 11.91 -15.26 -30.43
C LYS B 419 11.82 -13.82 -29.98
N PHE B 420 11.08 -13.56 -28.90
CA PHE B 420 11.06 -12.22 -28.32
C PHE B 420 12.39 -11.97 -27.63
N VAL B 421 13.10 -10.94 -28.07
CA VAL B 421 14.43 -10.66 -27.50
C VAL B 421 14.35 -9.65 -26.36
N ARG B 422 13.80 -8.47 -26.63
CA ARG B 422 13.73 -7.45 -25.60
C ARG B 422 12.86 -6.31 -26.08
N ARG B 423 12.37 -5.51 -25.13
CA ARG B 423 11.76 -4.24 -25.48
C ARG B 423 12.81 -3.14 -25.38
N GLU B 424 13.06 -2.44 -26.49
CA GLU B 424 14.08 -1.39 -26.56
C GLU B 424 14.09 -0.49 -25.32
N ASN B 425 15.28 -0.28 -24.76
CA ASN B 425 15.48 0.72 -23.71
C ASN B 425 15.03 0.37 -22.29
N VAL B 426 14.23 -0.68 -22.13
CA VAL B 426 13.83 -1.11 -20.80
C VAL B 426 15.03 -1.66 -20.04
N VAL B 427 15.17 -1.26 -18.79
CA VAL B 427 16.28 -1.68 -17.95
C VAL B 427 15.78 -2.38 -16.70
N LEU B 428 14.55 -2.09 -16.30
CA LEU B 428 13.97 -2.68 -15.11
C LEU B 428 12.52 -3.11 -15.34
N SER B 429 12.22 -4.36 -15.01
CA SER B 429 10.87 -4.89 -15.14
C SER B 429 10.64 -6.02 -14.12
N ILE B 430 9.58 -5.89 -13.33
CA ILE B 430 9.22 -6.90 -12.33
C ILE B 430 7.88 -7.51 -12.68
N ASP B 431 6.90 -6.64 -12.90
CA ASP B 431 5.53 -7.05 -13.23
C ASP B 431 5.16 -6.43 -14.57
N SER B 432 4.12 -5.61 -14.61
CA SER B 432 3.76 -4.91 -15.85
C SER B 432 4.57 -3.63 -16.07
N ASP B 433 5.27 -3.19 -15.03
CA ASP B 433 6.16 -2.03 -15.12
C ASP B 433 7.25 -2.24 -16.16
N LYS B 434 7.54 -1.20 -16.94
CA LYS B 434 8.65 -1.26 -17.88
C LYS B 434 9.46 0.02 -17.80
N THR B 435 10.33 0.07 -16.80
CA THR B 435 11.14 1.25 -16.54
C THR B 435 12.34 1.30 -17.47
N ASN B 436 12.38 2.32 -18.33
CA ASN B 436 13.47 2.48 -19.28
C ASN B 436 14.64 3.29 -18.71
N GLU B 437 15.79 3.20 -19.39
CA GLU B 437 17.02 3.85 -18.94
C GLU B 437 16.81 5.34 -18.69
N GLU B 438 15.94 5.94 -19.50
CA GLU B 438 15.63 7.37 -19.37
C GLU B 438 14.76 7.63 -18.14
N THR B 462 24.08 1.97 -10.80
CA THR B 462 23.47 0.91 -11.58
C THR B 462 22.24 0.33 -10.88
N SER B 463 21.54 -0.56 -11.55
CA SER B 463 20.29 -1.12 -11.02
C SER B 463 20.17 -2.62 -11.25
N TYR B 464 19.25 -3.24 -10.51
CA TYR B 464 18.97 -4.66 -10.64
C TYR B 464 17.55 -4.95 -10.19
N ALA B 465 16.83 -5.76 -10.98
CA ALA B 465 15.47 -6.16 -10.63
C ALA B 465 15.52 -7.42 -9.77
N ASP B 466 15.25 -7.26 -8.48
CA ASP B 466 15.35 -8.36 -7.52
C ASP B 466 14.02 -9.10 -7.41
N THR B 467 14.05 -10.40 -7.65
CA THR B 467 12.84 -11.23 -7.52
C THR B 467 13.10 -12.45 -6.64
N SER B 468 14.20 -12.41 -5.88
CA SER B 468 14.55 -13.50 -4.98
C SER B 468 13.54 -13.63 -3.86
N THR B 469 12.75 -12.57 -3.67
CA THR B 469 11.67 -12.58 -2.68
C THR B 469 10.42 -11.97 -3.29
N PHE B 470 9.28 -12.26 -2.69
CA PHE B 470 8.03 -11.67 -3.16
C PHE B 470 7.52 -10.63 -2.17
N PRO B 471 7.14 -9.45 -2.69
CA PRO B 471 7.21 -9.17 -4.13
C PRO B 471 8.63 -8.77 -4.54
N GLY B 472 8.91 -8.81 -5.84
CA GLY B 472 10.20 -8.36 -6.35
C GLY B 472 10.30 -6.86 -6.19
N HIS B 473 11.51 -6.31 -6.27
CA HIS B 473 11.68 -4.87 -6.17
C HIS B 473 12.93 -4.39 -6.93
N TYR B 474 13.00 -3.08 -7.14
CA TYR B 474 14.18 -2.49 -7.79
C TYR B 474 15.31 -2.37 -6.78
N VAL B 475 16.54 -2.53 -7.26
CA VAL B 475 17.71 -2.32 -6.41
C VAL B 475 18.65 -1.36 -7.10
N VAL B 476 18.87 -0.21 -6.48
CA VAL B 476 19.73 0.82 -7.07
C VAL B 476 21.04 0.98 -6.29
N TYR B 477 22.16 0.67 -6.95
CA TYR B 477 23.48 0.78 -6.34
C TYR B 477 24.06 2.18 -6.53
N LEU B 478 24.28 2.89 -5.43
CA LEU B 478 24.81 4.24 -5.49
C LEU B 478 26.23 4.32 -4.93
N LEU B 500 18.88 9.08 2.87
CA LEU B 500 18.97 7.91 1.99
C LEU B 500 17.64 7.16 1.89
N SER B 501 16.79 7.30 2.91
CA SER B 501 15.44 6.77 2.85
C SER B 501 14.58 7.68 1.98
N THR B 502 14.88 8.98 2.01
CA THR B 502 14.21 9.94 1.14
C THR B 502 14.71 9.76 -0.30
N CYS B 503 15.96 9.33 -0.44
CA CYS B 503 16.52 9.04 -1.75
C CYS B 503 15.76 7.89 -2.40
N CYS B 504 15.54 6.81 -1.63
CA CYS B 504 14.74 5.69 -2.09
C CYS B 504 13.36 6.16 -2.50
N LEU B 505 12.83 7.11 -1.75
CA LEU B 505 11.48 7.63 -1.97
C LEU B 505 11.36 8.44 -3.26
N VAL B 506 12.15 9.50 -3.39
CA VAL B 506 12.06 10.37 -4.56
C VAL B 506 12.31 9.60 -5.86
N MET B 507 13.11 8.55 -5.79
CA MET B 507 13.33 7.71 -6.96
C MET B 507 12.02 7.08 -7.41
N GLU B 508 11.38 6.32 -6.52
CA GLU B 508 10.08 5.71 -6.83
C GLU B 508 9.08 6.74 -7.33
N GLU B 509 9.02 7.88 -6.65
CA GLU B 509 8.09 8.94 -7.00
C GLU B 509 8.29 9.43 -8.44
N SER B 510 9.51 9.31 -8.95
CA SER B 510 9.80 9.79 -10.29
C SER B 510 9.45 8.73 -11.34
N LEU B 511 9.10 7.53 -10.88
CA LEU B 511 8.76 6.43 -11.79
C LEU B 511 7.33 6.58 -12.32
N ASP B 512 6.95 5.75 -13.28
CA ASP B 512 5.66 5.91 -13.96
C ASP B 512 4.48 5.31 -13.21
N ASN B 513 3.27 5.53 -13.75
CA ASN B 513 2.03 5.09 -13.09
C ASN B 513 1.85 3.58 -13.04
N VAL B 514 2.36 2.87 -14.04
CA VAL B 514 2.27 1.42 -14.04
C VAL B 514 3.09 0.84 -12.88
N TYR B 515 4.29 1.36 -12.68
CA TYR B 515 5.10 0.98 -11.53
C TYR B 515 4.29 1.19 -10.25
N LYS B 516 3.70 2.37 -10.13
CA LYS B 516 3.02 2.77 -8.90
C LYS B 516 1.76 1.96 -8.61
N ARG B 517 1.06 1.57 -9.67
CA ARG B 517 -0.10 0.70 -9.53
C ARG B 517 0.32 -0.68 -9.02
N CYS B 518 1.44 -1.17 -9.53
CA CYS B 518 1.95 -2.48 -9.14
C CYS B 518 2.51 -2.45 -7.72
N ARG B 519 3.12 -1.32 -7.37
CA ARG B 519 3.80 -1.15 -6.09
C ARG B 519 2.83 -0.82 -4.95
N PHE B 520 1.95 0.14 -5.18
CA PHE B 520 1.10 0.68 -4.13
C PHE B 520 -0.30 0.08 -4.09
N LYS B 521 -0.76 -0.44 -5.22
CA LYS B 521 -2.10 -1.00 -5.30
C LYS B 521 -2.09 -2.53 -5.38
N ASP B 522 -1.45 -3.08 -6.40
CA ASP B 522 -1.42 -4.52 -6.60
C ASP B 522 -0.48 -5.22 -5.62
N GLY B 523 0.52 -4.50 -5.12
CA GLY B 523 1.49 -5.07 -4.22
C GLY B 523 2.34 -6.14 -4.89
N SER B 524 2.55 -5.99 -6.20
CA SER B 524 3.37 -6.92 -6.96
C SER B 524 4.83 -6.49 -6.98
N ILE B 525 5.06 -5.26 -6.49
CA ILE B 525 6.42 -4.74 -6.36
C ILE B 525 6.61 -4.25 -4.94
N GLY B 526 7.75 -4.60 -4.35
CA GLY B 526 8.06 -4.17 -2.99
C GLY B 526 8.82 -2.86 -3.00
N PRO B 527 9.05 -2.30 -1.80
CA PRO B 527 9.75 -1.02 -1.66
C PRO B 527 11.09 -1.01 -2.39
N LEU B 528 11.38 0.07 -3.11
CA LEU B 528 12.66 0.21 -3.78
C LEU B 528 13.77 0.28 -2.75
N GLU B 529 14.91 -0.33 -3.07
CA GLU B 529 16.02 -0.44 -2.14
C GLU B 529 17.30 0.17 -2.70
N ILE B 530 17.84 1.14 -1.98
CA ILE B 530 19.12 1.73 -2.35
C ILE B 530 20.25 1.05 -1.60
N ARG B 531 21.19 0.48 -2.35
CA ARG B 531 22.34 -0.20 -1.76
C ARG B 531 23.64 0.55 -2.02
N ALA B 576 25.73 -0.34 3.22
CA ALA B 576 24.47 0.11 3.80
C ALA B 576 23.29 -0.12 2.85
N LYS B 577 22.17 -0.55 3.40
CA LYS B 577 20.95 -0.76 2.63
C LYS B 577 19.80 0.06 3.19
N PHE B 578 18.99 0.62 2.29
CA PHE B 578 17.86 1.46 2.71
C PHE B 578 16.63 1.18 1.85
N PHE B 579 15.47 1.55 2.35
CA PHE B 579 14.21 1.27 1.66
C PHE B 579 13.24 2.45 1.65
N SER B 580 12.47 2.54 0.57
CA SER B 580 11.44 3.56 0.43
C SER B 580 10.26 3.25 1.34
N ILE B 581 9.29 4.16 1.38
CA ILE B 581 8.02 3.99 2.10
C ILE B 581 7.64 5.26 2.85
#